data_9I2S
#
_entry.id   9I2S
#
_cell.length_a   106.040
_cell.length_b   156.080
_cell.length_c   52.730
_cell.angle_alpha   90.000
_cell.angle_beta   90.000
_cell.angle_gamma   90.000
#
_symmetry.space_group_name_H-M   'P 21 21 2'
#
loop_
_entity.id
_entity.type
_entity.pdbx_description
1 polymer 'Developmental and secondary metabolism regulator veA'
2 water water
#
_entity_poly.entity_id   1
_entity_poly.type   'polypeptide(L)'
_entity_poly.pdbx_seq_one_letter_code
;MATLAAPPPPLGESGNSNSVSRITREGKKITYKLNIMQQPKRARACGQGSKSHTDRRPVDPPPVIELNIFESDPHDDSNK
TDITFVYNANFFLFATLEPERPIATGKLMTNQGSPVLTGVPVAGVAYLDKPNRAGYFIFPDLSVRNEGSYRFSFHLFEQI
KDPKDATEGTQPMPSPVPGKLSSPQEFLEFRLEVISNPFIVYSAKKFPGLTTSTPISRMIAEQG
;
_entity_poly.pdbx_strand_id   A,B,C,D
#
# COMPACT_ATOMS: atom_id res chain seq x y z
N GLY A 15 1.10 17.76 14.66
CA GLY A 15 -0.27 17.84 14.22
C GLY A 15 -0.99 16.51 14.27
N ASN A 16 -0.48 15.60 15.09
CA ASN A 16 -1.02 14.26 15.23
C ASN A 16 -2.03 14.14 16.36
N SER A 17 -2.26 15.20 17.13
CA SER A 17 -3.02 15.09 18.37
C SER A 17 -3.93 16.29 18.53
N ASN A 18 -4.97 16.11 19.35
CA ASN A 18 -5.86 17.18 19.75
C ASN A 18 -6.46 16.83 21.10
N SER A 19 -6.73 17.86 21.90
CA SER A 19 -7.26 17.63 23.23
C SER A 19 -8.41 18.59 23.53
N VAL A 20 -9.35 18.12 24.35
CA VAL A 20 -10.46 18.94 24.80
C VAL A 20 -10.61 18.75 26.31
N SER A 21 -11.28 19.70 26.95
CA SER A 21 -11.49 19.66 28.38
C SER A 21 -12.93 20.04 28.70
N ARG A 22 -13.45 19.44 29.77
CA ARG A 22 -14.78 19.76 30.26
C ARG A 22 -14.79 19.62 31.77
N ILE A 23 -15.87 20.08 32.39
CA ILE A 23 -15.98 20.09 33.85
C ILE A 23 -17.26 19.35 34.24
N THR A 24 -17.12 18.40 35.15
CA THR A 24 -18.24 17.56 35.56
C THR A 24 -19.02 18.23 36.69
N ARG A 25 -20.14 17.60 37.06
CA ARG A 25 -20.99 18.15 38.10
C ARG A 25 -20.28 18.19 39.45
N GLU A 26 -19.39 17.23 39.72
CA GLU A 26 -18.65 17.19 40.96
C GLU A 26 -17.48 18.18 40.99
N GLY A 27 -17.39 19.08 40.01
CA GLY A 27 -16.29 20.02 39.89
C GLY A 27 -15.04 19.45 39.25
N LYS A 28 -15.06 18.20 38.83
CA LYS A 28 -13.90 17.53 38.25
C LYS A 28 -13.63 18.09 36.85
N LYS A 29 -12.36 18.31 36.54
CA LYS A 29 -11.95 18.75 35.20
C LYS A 29 -11.38 17.56 34.45
N ILE A 30 -12.09 17.13 33.40
CA ILE A 30 -11.73 15.96 32.61
C ILE A 30 -11.19 16.44 31.27
N THR A 31 -10.02 15.93 30.91
CA THR A 31 -9.37 16.24 29.64
C THR A 31 -9.30 14.98 28.77
N TYR A 32 -9.74 15.10 27.53
CA TYR A 32 -9.66 14.03 26.54
C TYR A 32 -8.55 14.37 25.55
N LYS A 33 -7.66 13.40 25.30
CA LYS A 33 -6.57 13.59 24.37
C LYS A 33 -6.62 12.47 23.34
N LEU A 34 -6.62 12.85 22.06
CA LEU A 34 -6.62 11.90 20.95
C LEU A 34 -5.31 12.07 20.20
N ASN A 35 -4.66 10.96 19.89
CA ASN A 35 -3.37 10.99 19.21
C ASN A 35 -3.35 9.92 18.14
N ILE A 36 -3.09 10.33 16.90
CA ILE A 36 -2.97 9.40 15.79
C ILE A 36 -1.55 8.82 15.81
N MET A 37 -1.43 7.53 16.10
CA MET A 37 -0.11 6.93 16.13
C MET A 37 0.26 6.26 14.81
N GLN A 38 -0.72 5.75 14.07
CA GLN A 38 -0.50 5.12 12.78
C GLN A 38 -1.34 5.85 11.72
N GLN A 39 -0.67 6.67 10.92
CA GLN A 39 -1.31 7.43 9.86
C GLN A 39 -1.53 6.56 8.63
N PRO A 40 -2.59 6.83 7.86
CA PRO A 40 -2.72 6.20 6.54
C PRO A 40 -1.73 6.78 5.55
N LYS A 41 -1.31 5.96 4.59
CA LYS A 41 -0.39 6.47 3.59
C LYS A 41 -0.91 6.33 2.17
N ARG A 42 -1.62 5.25 1.85
CA ARG A 42 -1.97 4.92 0.48
C ARG A 42 -3.18 4.01 0.49
N ALA A 43 -3.89 4.01 -0.65
CA ALA A 43 -5.00 3.10 -0.85
C ALA A 43 -5.25 2.98 -2.34
N ARG A 44 -5.81 1.85 -2.76
CA ARG A 44 -6.16 1.65 -4.15
C ARG A 44 -7.66 1.85 -4.28
N ALA A 45 -8.06 2.76 -5.17
CA ALA A 45 -9.48 3.04 -5.36
C ALA A 45 -10.22 1.78 -5.76
N CYS A 46 -11.23 1.42 -4.96
CA CYS A 46 -11.98 0.17 -5.14
C CYS A 46 -13.09 0.27 -6.16
N GLY A 47 -13.49 1.48 -6.58
CA GLY A 47 -14.58 1.63 -7.52
C GLY A 47 -15.91 1.17 -6.94
N GLN A 48 -16.80 0.75 -7.83
CA GLN A 48 -18.12 0.26 -7.43
C GLN A 48 -18.36 -1.11 -8.08
N GLY A 49 -19.53 -1.67 -7.81
CA GLY A 49 -19.91 -2.95 -8.38
C GLY A 49 -19.86 -4.06 -7.34
N SER A 50 -20.17 -5.26 -7.81
CA SER A 50 -20.17 -6.44 -6.93
C SER A 50 -18.76 -6.81 -6.48
N LYS A 51 -17.74 -6.58 -7.31
CA LYS A 51 -16.38 -6.85 -6.89
C LYS A 51 -15.87 -5.81 -5.89
N SER A 52 -16.43 -4.60 -5.90
CA SER A 52 -15.96 -3.54 -5.01
C SER A 52 -16.25 -3.84 -3.54
N HIS A 53 -17.18 -4.75 -3.25
CA HIS A 53 -17.52 -5.12 -1.89
C HIS A 53 -16.89 -6.44 -1.45
N THR A 54 -16.16 -7.11 -2.34
CA THR A 54 -15.55 -8.39 -1.99
C THR A 54 -14.12 -8.56 -2.50
N ASP A 55 -13.60 -7.61 -3.27
CA ASP A 55 -12.25 -7.73 -3.83
C ASP A 55 -11.48 -6.41 -3.70
N ARG A 56 -11.52 -5.81 -2.51
CA ARG A 56 -10.92 -4.50 -2.32
C ARG A 56 -9.66 -4.60 -1.47
N ARG A 57 -8.85 -3.54 -1.54
CA ARG A 57 -7.65 -3.39 -0.73
C ARG A 57 -7.83 -2.22 0.22
N PRO A 58 -8.00 -2.46 1.53
CA PRO A 58 -8.33 -1.36 2.44
C PRO A 58 -7.14 -0.43 2.66
N VAL A 59 -7.42 0.69 3.35
CA VAL A 59 -6.40 1.69 3.62
C VAL A 59 -5.28 1.07 4.46
N ASP A 60 -4.04 1.25 4.03
CA ASP A 60 -2.92 0.64 4.73
C ASP A 60 -1.82 1.65 4.98
N PRO A 61 -1.18 1.61 6.17
CA PRO A 61 -1.48 0.76 7.32
C PRO A 61 -2.75 1.22 8.00
N PRO A 62 -3.45 0.33 8.70
CA PRO A 62 -4.72 0.70 9.32
C PRO A 62 -4.52 1.83 10.31
N PRO A 63 -5.36 2.87 10.25
CA PRO A 63 -5.20 3.98 11.19
C PRO A 63 -5.43 3.51 12.61
N VAL A 64 -4.60 4.02 13.52
CA VAL A 64 -4.65 3.69 14.94
C VAL A 64 -4.65 4.99 15.71
N ILE A 65 -5.62 5.15 16.61
CA ILE A 65 -5.76 6.38 17.38
C ILE A 65 -5.78 6.01 18.85
N GLU A 66 -4.94 6.70 19.61
CA GLU A 66 -4.82 6.52 21.04
C GLU A 66 -5.65 7.56 21.78
N LEU A 67 -6.31 7.13 22.84
CA LEU A 67 -7.15 7.99 23.67
C LEU A 67 -6.66 7.95 25.10
N ASN A 68 -6.53 9.11 25.70
CA ASN A 68 -6.16 9.26 27.10
C ASN A 68 -7.12 10.24 27.76
N ILE A 69 -7.42 9.99 29.03
CA ILE A 69 -8.33 10.80 29.82
C ILE A 69 -7.60 11.23 31.08
N PHE A 70 -7.69 12.52 31.41
CA PHE A 70 -6.94 13.10 32.51
C PHE A 70 -7.86 13.81 33.49
N GLU A 71 -7.69 13.50 34.78
CA GLU A 71 -8.26 14.26 35.87
C GLU A 71 -7.29 15.34 36.32
N SER A 72 -7.79 16.57 36.43
CA SER A 72 -7.00 17.69 36.93
C SER A 72 -7.51 18.06 38.32
N ASP A 73 -6.63 17.96 39.31
CA ASP A 73 -7.00 18.40 40.65
C ASP A 73 -7.20 19.92 40.65
N PRO A 74 -8.26 20.42 41.31
CA PRO A 74 -8.60 21.85 41.17
C PRO A 74 -7.51 22.79 41.65
N HIS A 75 -6.71 22.38 42.63
CA HIS A 75 -5.69 23.28 43.17
C HIS A 75 -4.60 23.56 42.14
N ASP A 76 -3.89 22.51 41.72
CA ASP A 76 -2.71 22.66 40.87
C ASP A 76 -3.04 22.02 39.53
N ASP A 77 -3.06 22.83 38.47
CA ASP A 77 -3.34 22.33 37.13
C ASP A 77 -2.09 21.85 36.39
N SER A 78 -0.90 22.04 36.97
CA SER A 78 0.28 21.42 36.38
C SER A 78 0.31 19.92 36.63
N ASN A 79 -0.56 19.40 37.49
CA ASN A 79 -0.63 17.99 37.81
C ASN A 79 -1.89 17.38 37.22
N LYS A 80 -1.73 16.26 36.51
CA LYS A 80 -2.84 15.53 35.94
C LYS A 80 -2.69 14.06 36.28
N THR A 81 -3.82 13.36 36.30
CA THR A 81 -3.85 11.92 36.57
C THR A 81 -4.54 11.21 35.42
N ASP A 82 -3.85 10.27 34.79
CA ASP A 82 -4.45 9.50 33.71
C ASP A 82 -5.45 8.51 34.30
N ILE A 83 -6.73 8.74 34.05
CA ILE A 83 -7.78 7.89 34.62
C ILE A 83 -8.44 7.08 33.52
N THR A 84 -7.69 6.83 32.44
CA THR A 84 -8.25 6.10 31.30
C THR A 84 -8.71 4.71 31.71
N PHE A 85 -7.93 4.04 32.55
CA PHE A 85 -8.28 2.70 33.03
C PHE A 85 -9.22 2.73 34.23
N VAL A 86 -9.53 3.92 34.76
CA VAL A 86 -10.48 4.08 35.85
C VAL A 86 -11.81 4.64 35.35
N TYR A 87 -11.76 5.62 34.45
CA TYR A 87 -12.96 6.25 33.90
C TYR A 87 -13.86 5.20 33.25
N ASN A 88 -15.12 5.22 33.62
CA ASN A 88 -16.05 4.17 33.25
C ASN A 88 -17.10 4.75 32.30
N ALA A 89 -16.86 4.61 30.99
CA ALA A 89 -17.81 5.05 29.98
C ALA A 89 -17.51 4.30 28.69
N ASN A 90 -18.49 4.26 27.80
CA ASN A 90 -18.29 3.68 26.47
C ASN A 90 -17.71 4.73 25.54
N PHE A 91 -16.84 4.31 24.64
CA PHE A 91 -16.19 5.21 23.69
C PHE A 91 -16.25 4.63 22.30
N PHE A 92 -16.57 5.47 21.32
CA PHE A 92 -16.56 5.07 19.92
C PHE A 92 -15.83 6.14 19.12
N LEU A 93 -15.16 5.71 18.06
CA LEU A 93 -14.46 6.61 17.16
C LEU A 93 -14.95 6.40 15.75
N PHE A 94 -15.38 7.49 15.11
CA PHE A 94 -16.01 7.48 13.81
C PHE A 94 -15.13 8.21 12.81
N ALA A 95 -14.96 7.61 11.63
CA ALA A 95 -14.07 8.12 10.61
C ALA A 95 -14.89 8.72 9.46
N THR A 96 -14.50 9.92 9.04
CA THR A 96 -15.05 10.58 7.86
C THR A 96 -13.90 10.93 6.94
N LEU A 97 -14.22 11.06 5.66
CA LEU A 97 -13.23 11.32 4.61
C LEU A 97 -13.44 12.73 4.11
N GLU A 98 -12.43 13.57 4.29
CA GLU A 98 -12.52 14.97 3.89
C GLU A 98 -11.65 15.23 2.68
N PRO A 99 -12.22 15.57 1.53
CA PRO A 99 -11.41 15.92 0.37
C PRO A 99 -10.45 17.06 0.67
N GLU A 100 -9.21 16.93 0.18
CA GLU A 100 -8.25 17.99 0.34
C GLU A 100 -8.38 19.04 -0.75
N ARG A 101 -9.06 18.70 -1.85
CA ARG A 101 -9.32 19.62 -2.95
C ARG A 101 -10.63 19.26 -3.64
N PRO A 115 -21.16 5.88 -1.43
CA PRO A 115 -20.31 6.78 -0.64
C PRO A 115 -18.83 6.59 -0.95
N VAL A 116 -18.04 7.66 -0.80
CA VAL A 116 -16.61 7.59 -1.10
C VAL A 116 -15.89 6.68 -0.12
N LEU A 117 -16.26 6.72 1.15
CA LEU A 117 -15.68 5.85 2.17
C LEU A 117 -16.59 4.64 2.39
N THR A 118 -16.03 3.45 2.20
CA THR A 118 -16.77 2.21 2.38
C THR A 118 -16.05 1.35 3.42
N GLY A 119 -16.81 0.42 3.99
CA GLY A 119 -16.30 -0.42 5.05
C GLY A 119 -16.96 -0.16 6.38
N VAL A 120 -16.19 -0.35 7.45
CA VAL A 120 -16.69 -0.12 8.80
C VAL A 120 -16.00 1.12 9.34
N PRO A 121 -16.68 2.27 9.37
CA PRO A 121 -16.04 3.51 9.83
C PRO A 121 -16.16 3.78 11.33
N VAL A 122 -16.64 2.83 12.13
CA VAL A 122 -16.79 3.01 13.57
C VAL A 122 -15.94 1.96 14.29
N ALA A 123 -15.10 2.40 15.21
CA ALA A 123 -14.25 1.50 15.99
C ALA A 123 -14.55 1.65 17.47
N GLY A 124 -14.66 0.52 18.17
CA GLY A 124 -14.73 0.56 19.61
C GLY A 124 -13.35 0.68 20.21
N VAL A 125 -13.32 0.88 21.53
CA VAL A 125 -12.05 1.10 22.22
C VAL A 125 -11.49 -0.23 22.73
N ALA A 126 -10.17 -0.35 22.68
CA ALA A 126 -9.48 -1.49 23.27
C ALA A 126 -8.41 -0.94 24.20
N TYR A 127 -8.46 -1.37 25.45
CA TYR A 127 -7.55 -0.86 26.47
C TYR A 127 -6.31 -1.75 26.48
N LEU A 128 -5.15 -1.14 26.26
CA LEU A 128 -3.88 -1.87 26.19
C LEU A 128 -2.84 -1.13 27.01
N ASP A 129 -1.83 -1.87 27.44
CA ASP A 129 -0.77 -1.32 28.27
C ASP A 129 0.45 -0.93 27.46
N LYS A 130 0.59 -1.49 26.27
CA LYS A 130 1.73 -1.22 25.41
C LYS A 130 1.24 -0.75 24.05
N PRO A 131 1.93 0.21 23.41
CA PRO A 131 3.17 0.87 23.87
C PRO A 131 2.92 1.87 25.00
N ASN A 132 1.66 2.25 25.24
CA ASN A 132 1.30 3.13 26.34
C ASN A 132 0.02 2.64 26.99
N ARG A 133 -0.15 2.97 28.27
CA ARG A 133 -1.38 2.62 28.98
C ARG A 133 -2.44 3.59 28.49
N ALA A 134 -3.34 3.12 27.64
CA ALA A 134 -4.36 4.00 27.07
C ALA A 134 -5.42 3.14 26.39
N GLY A 135 -6.37 3.83 25.73
CA GLY A 135 -7.34 3.18 24.88
C GLY A 135 -6.90 3.35 23.43
N TYR A 136 -7.31 2.39 22.59
CA TYR A 136 -6.83 2.34 21.22
C TYR A 136 -7.99 2.03 20.30
N PHE A 137 -8.03 2.72 19.15
CA PHE A 137 -8.99 2.47 18.09
C PHE A 137 -8.24 2.12 16.82
N ILE A 138 -8.66 1.05 16.15
CA ILE A 138 -8.03 0.59 14.91
C ILE A 138 -9.09 0.51 13.82
N PHE A 139 -8.73 0.95 12.61
CA PHE A 139 -9.63 0.96 11.46
C PHE A 139 -9.02 0.09 10.36
N PRO A 140 -9.27 -1.21 10.36
CA PRO A 140 -8.63 -2.08 9.37
C PRO A 140 -9.40 -2.25 8.08
N ASP A 141 -10.62 -1.73 7.99
CA ASP A 141 -11.51 -2.03 6.87
C ASP A 141 -12.08 -0.73 6.29
N LEU A 142 -11.20 0.23 5.98
CA LEU A 142 -11.60 1.47 5.33
C LEU A 142 -11.19 1.43 3.86
N SER A 143 -12.12 1.75 2.97
CA SER A 143 -11.82 1.79 1.54
C SER A 143 -12.33 3.09 0.95
N VAL A 144 -11.59 3.62 -0.01
CA VAL A 144 -11.91 4.85 -0.71
C VAL A 144 -12.32 4.50 -2.13
N ARG A 145 -13.42 5.07 -2.59
CA ARG A 145 -13.98 4.70 -3.89
C ARG A 145 -13.20 5.31 -5.04
N ASN A 146 -12.74 6.54 -4.90
CA ASN A 146 -12.17 7.27 -6.01
C ASN A 146 -10.79 7.83 -5.65
N GLU A 147 -9.95 7.97 -6.66
CA GLU A 147 -8.59 8.44 -6.44
C GLU A 147 -8.59 9.91 -6.06
N GLY A 148 -7.50 10.34 -5.45
CA GLY A 148 -7.31 11.72 -5.08
C GLY A 148 -6.53 11.83 -3.78
N SER A 149 -6.61 13.01 -3.19
CA SER A 149 -5.95 13.32 -1.93
C SER A 149 -7.00 13.60 -0.87
N TYR A 150 -6.88 12.93 0.27
CA TYR A 150 -7.90 13.00 1.31
C TYR A 150 -7.24 13.16 2.66
N ARG A 151 -8.05 13.56 3.63
CA ARG A 151 -7.70 13.53 5.04
C ARG A 151 -8.75 12.73 5.78
N PHE A 152 -8.34 12.13 6.88
CA PHE A 152 -9.27 11.45 7.75
C PHE A 152 -9.58 12.34 8.94
N SER A 153 -10.85 12.40 9.28
CA SER A 153 -11.33 13.05 10.49
C SER A 153 -11.91 11.98 11.38
N PHE A 154 -11.39 11.89 12.60
CA PHE A 154 -11.84 10.92 13.59
C PHE A 154 -12.59 11.66 14.68
N HIS A 155 -13.86 11.29 14.88
CA HIS A 155 -14.73 11.95 15.84
C HIS A 155 -14.99 11.01 17.01
N LEU A 156 -14.76 11.49 18.22
CA LEU A 156 -14.92 10.68 19.42
C LEU A 156 -16.30 10.89 20.03
N PHE A 157 -16.99 9.79 20.30
CA PHE A 157 -18.28 9.81 20.97
C PHE A 157 -18.17 9.11 22.32
N GLU A 158 -18.71 9.74 23.35
CA GLU A 158 -18.72 9.19 24.70
C GLU A 158 -20.13 8.85 25.13
N GLN A 159 -20.29 7.69 25.75
CA GLN A 159 -21.56 7.21 26.28
C GLN A 159 -21.37 7.01 27.77
N ILE A 160 -21.98 7.89 28.58
CA ILE A 160 -21.69 7.96 30.01
C ILE A 160 -22.61 7.02 30.75
N LYS A 161 -22.05 6.31 31.75
CA LYS A 161 -22.81 5.42 32.60
C LYS A 161 -22.88 5.86 34.06
N ASP A 162 -22.02 6.78 34.50
CA ASP A 162 -22.11 7.32 35.84
C ASP A 162 -22.57 8.77 35.79
N PRO A 163 -23.70 9.10 36.42
CA PRO A 163 -24.25 10.46 36.27
C PRO A 163 -23.34 11.56 36.81
N LYS A 164 -22.44 11.24 37.72
CA LYS A 164 -21.48 12.24 38.22
C LYS A 164 -20.58 12.75 37.10
N ASP A 165 -20.28 11.89 36.13
CA ASP A 165 -19.38 12.25 35.03
C ASP A 165 -20.01 13.23 34.05
N ALA A 166 -21.31 13.51 34.17
CA ALA A 166 -21.97 14.39 33.23
C ALA A 166 -21.38 15.79 33.30
N THR A 167 -21.50 16.52 32.18
CA THR A 167 -20.95 17.87 32.09
C THR A 167 -21.66 18.82 33.04
N PRO A 184 -34.95 6.51 23.54
CA PRO A 184 -33.69 5.98 24.06
C PRO A 184 -33.31 6.58 25.40
N GLN A 185 -33.05 5.73 26.39
CA GLN A 185 -32.63 6.17 27.72
C GLN A 185 -31.12 6.29 27.83
N GLU A 186 -30.38 6.07 26.75
CA GLU A 186 -28.94 6.29 26.70
C GLU A 186 -28.64 7.47 25.79
N PHE A 187 -27.61 8.22 26.13
CA PHE A 187 -27.21 9.40 25.38
C PHE A 187 -25.81 9.22 24.82
N LEU A 188 -25.57 9.84 23.68
CA LEU A 188 -24.28 9.84 23.01
C LEU A 188 -23.78 11.28 22.90
N GLU A 189 -22.56 11.52 23.36
CA GLU A 189 -22.00 12.87 23.39
C GLU A 189 -20.74 12.92 22.54
N PHE A 190 -20.71 13.84 21.59
CA PHE A 190 -19.49 14.14 20.88
C PHE A 190 -18.52 14.84 21.82
N ARG A 191 -17.26 14.45 21.77
CA ARG A 191 -16.23 15.01 22.64
C ARG A 191 -15.22 15.87 21.88
N LEU A 192 -14.54 15.32 20.88
CA LEU A 192 -13.55 16.09 20.15
C LEU A 192 -13.22 15.36 18.85
N GLU A 193 -12.31 15.94 18.09
CA GLU A 193 -11.99 15.48 16.74
C GLU A 193 -10.50 15.61 16.50
N VAL A 194 -9.95 14.66 15.74
CA VAL A 194 -8.54 14.70 15.35
C VAL A 194 -8.46 14.52 13.85
N ILE A 195 -7.55 15.27 13.22
CA ILE A 195 -7.44 15.35 11.77
C ILE A 195 -6.17 14.62 11.35
N SER A 196 -6.30 13.72 10.39
CA SER A 196 -5.15 12.96 9.93
C SER A 196 -4.33 13.79 8.95
N ASN A 197 -3.11 13.32 8.72
CA ASN A 197 -2.29 13.85 7.65
C ASN A 197 -2.84 13.40 6.29
N PRO A 198 -2.59 14.16 5.23
CA PRO A 198 -3.10 13.78 3.91
C PRO A 198 -2.51 12.46 3.44
N PHE A 199 -3.34 11.69 2.74
CA PHE A 199 -2.91 10.44 2.13
C PHE A 199 -3.50 10.37 0.73
N ILE A 200 -2.87 9.56 -0.13
CA ILE A 200 -3.14 9.54 -1.55
C ILE A 200 -3.80 8.22 -1.91
N VAL A 201 -4.94 8.30 -2.58
CA VAL A 201 -5.58 7.15 -3.20
C VAL A 201 -5.22 7.16 -4.69
N TYR A 202 -4.60 6.09 -5.15
CA TYR A 202 -4.15 5.97 -6.53
C TYR A 202 -5.08 5.03 -7.28
N SER A 203 -4.96 5.04 -8.59
CA SER A 203 -5.67 4.10 -9.45
C SER A 203 -4.63 3.29 -10.23
N ALA A 204 -4.79 1.97 -10.20
CA ALA A 204 -3.94 1.10 -10.99
C ALA A 204 -4.38 1.19 -12.45
N LYS A 205 -3.44 1.47 -13.34
CA LYS A 205 -3.77 1.57 -14.75
C LYS A 205 -4.27 0.23 -15.27
N LYS A 206 -5.09 0.28 -16.30
CA LYS A 206 -5.72 -0.91 -16.85
C LYS A 206 -4.92 -1.42 -18.04
N PHE A 207 -4.61 -2.70 -18.00
CA PHE A 207 -3.95 -3.41 -19.11
C PHE A 207 -4.77 -4.67 -19.34
N PRO A 208 -5.66 -4.67 -20.35
CA PRO A 208 -6.65 -5.75 -20.46
C PRO A 208 -6.06 -7.15 -20.55
N GLY A 209 -5.24 -7.40 -21.58
CA GLY A 209 -4.69 -8.73 -21.75
C GLY A 209 -3.61 -9.10 -20.74
N LEU A 210 -3.14 -8.13 -19.96
CA LEU A 210 -2.07 -8.36 -19.00
C LEU A 210 -2.59 -8.77 -17.61
N THR A 211 -3.39 -7.90 -16.99
CA THR A 211 -3.94 -8.20 -15.67
C THR A 211 -4.98 -9.31 -15.72
N THR A 212 -5.71 -9.43 -16.82
CA THR A 212 -6.71 -10.49 -17.01
C THR A 212 -7.71 -10.55 -15.85
N GLY B 15 -32.88 14.96 -3.89
CA GLY B 15 -31.72 15.71 -3.48
C GLY B 15 -31.65 15.92 -1.98
N ASN B 16 -32.82 15.96 -1.34
CA ASN B 16 -32.92 16.13 0.10
C ASN B 16 -32.97 14.81 0.86
N SER B 17 -32.78 13.67 0.18
CA SER B 17 -32.93 12.37 0.83
C SER B 17 -31.81 11.43 0.40
N ASN B 18 -31.67 10.33 1.14
CA ASN B 18 -30.75 9.26 0.81
C ASN B 18 -31.21 7.96 1.46
N SER B 19 -30.94 6.84 0.79
CA SER B 19 -31.42 5.54 1.24
C SER B 19 -30.28 4.53 1.19
N VAL B 20 -30.32 3.56 2.09
CA VAL B 20 -29.33 2.49 2.14
C VAL B 20 -30.02 1.23 2.61
N SER B 21 -29.72 0.11 1.93
CA SER B 21 -30.35 -1.17 2.23
C SER B 21 -29.32 -2.15 2.78
N ARG B 22 -29.77 -3.01 3.69
CA ARG B 22 -28.94 -4.06 4.25
C ARG B 22 -29.83 -5.29 4.44
N ILE B 23 -29.20 -6.43 4.77
CA ILE B 23 -29.92 -7.67 4.99
C ILE B 23 -29.55 -8.19 6.38
N THR B 24 -30.56 -8.51 7.18
CA THR B 24 -30.32 -9.01 8.52
C THR B 24 -30.07 -10.51 8.49
N ARG B 25 -29.88 -11.08 9.68
CA ARG B 25 -29.57 -12.51 9.76
C ARG B 25 -30.75 -13.37 9.35
N GLU B 26 -31.98 -12.86 9.53
CA GLU B 26 -33.19 -13.58 9.19
C GLU B 26 -33.46 -13.62 7.69
N GLY B 27 -32.68 -12.90 6.89
CA GLY B 27 -32.94 -12.82 5.47
C GLY B 27 -33.82 -11.67 5.06
N LYS B 28 -34.36 -10.90 6.02
CA LYS B 28 -35.17 -9.74 5.70
C LYS B 28 -34.28 -8.62 5.19
N LYS B 29 -34.79 -7.86 4.22
CA LYS B 29 -34.12 -6.67 3.73
C LYS B 29 -34.65 -5.46 4.50
N ILE B 30 -33.73 -4.67 5.04
CA ILE B 30 -34.07 -3.48 5.81
C ILE B 30 -33.50 -2.25 5.10
N THR B 31 -34.37 -1.28 4.83
CA THR B 31 -33.97 -0.05 4.15
C THR B 31 -34.13 1.13 5.10
N TYR B 32 -33.08 1.94 5.21
CA TYR B 32 -33.08 3.17 5.99
C TYR B 32 -33.16 4.35 5.03
N LYS B 33 -34.13 5.24 5.27
CA LYS B 33 -34.29 6.44 4.45
C LYS B 33 -34.18 7.67 5.33
N LEU B 34 -33.25 8.56 4.98
CA LEU B 34 -33.09 9.84 5.66
C LEU B 34 -33.53 10.93 4.68
N ASN B 35 -34.37 11.85 5.15
CA ASN B 35 -34.77 12.95 4.29
C ASN B 35 -34.89 14.20 5.14
N ILE B 36 -34.38 15.31 4.62
CA ILE B 36 -34.31 16.57 5.34
C ILE B 36 -35.65 17.29 5.13
N MET B 37 -36.31 17.62 6.23
CA MET B 37 -37.55 18.41 6.21
C MET B 37 -37.31 19.91 6.28
N GLN B 38 -36.26 20.35 6.97
CA GLN B 38 -35.99 21.77 7.16
C GLN B 38 -34.51 21.99 6.91
N GLN B 39 -34.19 22.63 5.79
CA GLN B 39 -32.80 22.91 5.50
C GLN B 39 -32.31 24.10 6.31
N PRO B 40 -31.03 24.10 6.69
CA PRO B 40 -30.44 25.31 7.26
C PRO B 40 -30.31 26.41 6.22
N LYS B 41 -30.48 27.64 6.67
CA LYS B 41 -30.45 28.79 5.77
C LYS B 41 -29.33 29.76 6.08
N ARG B 42 -29.26 30.24 7.32
CA ARG B 42 -28.32 31.29 7.67
C ARG B 42 -27.81 31.10 9.10
N ALA B 43 -26.66 31.73 9.36
CA ALA B 43 -26.12 31.79 10.71
C ALA B 43 -25.19 32.98 10.78
N ARG B 44 -25.03 33.52 11.98
CA ARG B 44 -24.11 34.62 12.22
C ARG B 44 -22.87 34.03 12.87
N ALA B 45 -21.71 34.31 12.27
CA ALA B 45 -20.46 33.75 12.79
C ALA B 45 -20.30 34.09 14.26
N CYS B 46 -20.04 33.07 15.07
CA CYS B 46 -19.96 33.26 16.51
C CYS B 46 -18.58 33.73 16.96
N GLY B 47 -17.56 33.62 16.11
CA GLY B 47 -16.24 34.05 16.51
C GLY B 47 -15.71 33.22 17.67
N GLN B 48 -14.81 33.83 18.45
CA GLN B 48 -14.20 33.14 19.58
C GLN B 48 -14.57 33.81 20.89
N LYS B 51 -22.74 42.40 17.92
CA LYS B 51 -22.40 41.03 18.30
C LYS B 51 -22.90 40.66 19.68
N SER B 52 -23.94 41.35 20.15
CA SER B 52 -24.56 41.03 21.43
C SER B 52 -25.83 40.21 21.25
N HIS B 53 -26.10 39.80 20.02
CA HIS B 53 -27.27 39.00 19.68
C HIS B 53 -26.79 37.56 19.58
N THR B 54 -26.94 36.82 20.68
CA THR B 54 -26.39 35.47 20.75
C THR B 54 -27.35 34.42 20.20
N ASP B 55 -28.65 34.72 20.16
CA ASP B 55 -29.58 33.78 19.55
C ASP B 55 -29.57 33.90 18.04
N ARG B 56 -28.75 34.80 17.50
CA ARG B 56 -28.58 35.00 16.08
C ARG B 56 -27.47 34.12 15.52
N ARG B 57 -26.75 33.42 16.40
CA ARG B 57 -25.62 32.57 16.04
C ARG B 57 -26.07 31.15 15.69
N PRO B 58 -26.93 30.50 16.49
CA PRO B 58 -27.36 29.15 16.11
C PRO B 58 -27.89 29.13 14.68
N VAL B 59 -27.59 28.05 13.96
CA VAL B 59 -28.03 27.96 12.58
C VAL B 59 -29.55 27.93 12.53
N ASP B 60 -30.11 28.78 11.68
CA ASP B 60 -31.55 29.00 11.60
C ASP B 60 -32.04 28.82 10.17
N PRO B 61 -33.19 28.17 9.98
CA PRO B 61 -34.02 27.49 10.99
C PRO B 61 -33.32 26.20 11.41
N PRO B 62 -33.58 25.66 12.59
CA PRO B 62 -32.88 24.45 13.03
C PRO B 62 -33.15 23.29 12.09
N PRO B 63 -32.10 22.64 11.59
CA PRO B 63 -32.29 21.55 10.64
C PRO B 63 -33.06 20.41 11.26
N VAL B 64 -33.97 19.84 10.45
CA VAL B 64 -34.82 18.74 10.87
C VAL B 64 -34.71 17.65 9.82
N ILE B 65 -34.43 16.44 10.29
CA ILE B 65 -34.23 15.27 9.43
C ILE B 65 -35.19 14.19 9.93
N GLU B 66 -35.92 13.57 9.00
CA GLU B 66 -36.80 12.48 9.34
C GLU B 66 -36.20 11.16 8.86
N LEU B 67 -36.39 10.11 9.65
CA LEU B 67 -35.89 8.79 9.37
C LEU B 67 -37.06 7.83 9.22
N ASN B 68 -37.00 6.98 8.20
CA ASN B 68 -37.98 5.92 8.02
C ASN B 68 -37.24 4.61 7.78
N ILE B 69 -37.80 3.51 8.28
CA ILE B 69 -37.21 2.19 8.13
C ILE B 69 -38.25 1.30 7.45
N PHE B 70 -37.82 0.59 6.41
CA PHE B 70 -38.70 -0.22 5.59
C PHE B 70 -38.21 -1.67 5.59
N GLU B 71 -39.15 -2.60 5.67
CA GLU B 71 -38.87 -4.03 5.65
C GLU B 71 -39.35 -4.62 4.33
N SER B 72 -38.52 -5.45 3.72
CA SER B 72 -38.88 -6.21 2.54
C SER B 72 -38.53 -7.67 2.78
N ASP B 73 -39.51 -8.55 2.59
CA ASP B 73 -39.25 -9.97 2.81
C ASP B 73 -38.42 -10.54 1.66
N PRO B 74 -37.62 -11.58 1.92
CA PRO B 74 -36.86 -12.20 0.82
C PRO B 74 -37.74 -12.75 -0.28
N HIS B 75 -38.98 -13.15 0.05
CA HIS B 75 -39.90 -13.66 -0.95
C HIS B 75 -40.35 -12.57 -1.92
N ASP B 76 -40.56 -11.35 -1.41
CA ASP B 76 -40.99 -10.20 -2.22
C ASP B 76 -40.05 -9.04 -1.95
N ASP B 77 -39.12 -8.80 -2.86
CA ASP B 77 -38.14 -7.73 -2.71
C ASP B 77 -38.57 -6.42 -3.38
N SER B 78 -39.79 -6.36 -3.93
CA SER B 78 -40.26 -5.17 -4.63
C SER B 78 -41.18 -4.31 -3.79
N ASN B 79 -41.63 -4.78 -2.62
CA ASN B 79 -42.54 -4.05 -1.77
C ASN B 79 -41.91 -3.76 -0.41
N LYS B 80 -42.29 -2.65 0.20
CA LYS B 80 -41.68 -2.17 1.43
C LYS B 80 -42.77 -1.97 2.47
N THR B 81 -42.37 -2.06 3.75
CA THR B 81 -43.30 -1.91 4.86
C THR B 81 -42.65 -1.09 5.95
N ASP B 82 -43.26 0.03 6.32
CA ASP B 82 -42.67 0.92 7.31
C ASP B 82 -42.71 0.26 8.67
N ILE B 83 -41.55 0.19 9.33
CA ILE B 83 -41.44 -0.41 10.65
C ILE B 83 -40.80 0.56 11.63
N THR B 84 -40.94 1.87 11.37
CA THR B 84 -40.15 2.84 12.10
C THR B 84 -40.45 2.77 13.61
N PHE B 85 -41.72 2.60 13.97
CA PHE B 85 -42.07 2.46 15.37
C PHE B 85 -41.87 1.05 15.91
N VAL B 86 -41.68 0.06 15.03
CA VAL B 86 -41.53 -1.32 15.48
C VAL B 86 -40.07 -1.69 15.68
N TYR B 87 -39.18 -1.16 14.85
CA TYR B 87 -37.76 -1.45 14.92
C TYR B 87 -37.18 -1.03 16.27
N ASN B 88 -36.69 -2.00 17.04
CA ASN B 88 -36.25 -1.77 18.42
C ASN B 88 -34.75 -1.53 18.43
N ALA B 89 -34.36 -0.27 18.27
CA ALA B 89 -32.96 0.11 18.35
C ALA B 89 -32.85 1.61 18.60
N ASN B 90 -31.76 2.02 19.24
CA ASN B 90 -31.51 3.44 19.45
C ASN B 90 -30.88 4.03 18.19
N PHE B 91 -31.17 5.31 17.96
CA PHE B 91 -30.66 6.00 16.79
C PHE B 91 -30.07 7.34 17.22
N PHE B 92 -28.97 7.71 16.59
CA PHE B 92 -28.37 9.02 16.80
C PHE B 92 -28.03 9.61 15.45
N LEU B 93 -28.09 10.93 15.35
CA LEU B 93 -27.72 11.62 14.13
C LEU B 93 -26.64 12.64 14.46
N PHE B 94 -25.54 12.56 13.72
CA PHE B 94 -24.36 13.37 14.00
C PHE B 94 -24.13 14.34 12.87
N ALA B 95 -23.91 15.61 13.21
CA ALA B 95 -23.76 16.68 12.24
C ALA B 95 -22.28 17.03 12.11
N THR B 96 -21.81 17.12 10.86
CA THR B 96 -20.48 17.59 10.54
C THR B 96 -20.60 18.73 9.55
N LEU B 97 -19.64 19.65 9.61
CA LEU B 97 -19.66 20.86 8.80
C LEU B 97 -18.73 20.67 7.62
N GLU B 98 -19.26 20.85 6.41
CA GLU B 98 -18.44 20.67 5.22
C GLU B 98 -18.27 22.00 4.51
N PRO B 99 -17.04 22.51 4.38
CA PRO B 99 -16.84 23.74 3.62
C PRO B 99 -17.20 23.56 2.16
N GLU B 100 -18.06 24.46 1.66
CA GLU B 100 -18.47 24.35 0.26
C GLU B 100 -17.32 24.69 -0.69
N ARG B 101 -16.27 25.33 -0.18
CA ARG B 101 -15.10 25.74 -0.96
C ARG B 101 -13.83 25.24 -0.28
N PRO B 102 -13.58 23.92 -0.30
CA PRO B 102 -12.42 23.37 0.38
C PRO B 102 -11.19 23.26 -0.52
N SER B 114 -9.39 24.42 18.69
CA SER B 114 -10.51 25.32 18.43
C SER B 114 -11.33 24.88 17.21
N PRO B 115 -12.52 24.35 17.47
CA PRO B 115 -13.36 23.82 16.39
C PRO B 115 -14.14 24.90 15.65
N VAL B 116 -14.52 24.57 14.43
CA VAL B 116 -15.31 25.49 13.63
C VAL B 116 -16.80 25.32 13.93
N LEU B 117 -17.26 24.08 14.10
CA LEU B 117 -18.64 23.84 14.47
C LEU B 117 -18.70 23.71 15.98
N THR B 118 -19.65 24.41 16.60
CA THR B 118 -19.79 24.39 18.05
C THR B 118 -21.24 24.12 18.41
N GLY B 119 -21.44 23.63 19.64
CA GLY B 119 -22.77 23.33 20.12
C GLY B 119 -22.92 21.84 20.42
N VAL B 120 -24.13 21.35 20.21
CA VAL B 120 -24.45 19.93 20.37
C VAL B 120 -24.67 19.35 18.99
N PRO B 121 -23.72 18.61 18.43
CA PRO B 121 -23.89 18.06 17.08
C PRO B 121 -24.51 16.68 17.01
N VAL B 122 -24.99 16.13 18.13
CA VAL B 122 -25.63 14.83 18.19
C VAL B 122 -27.09 15.03 18.57
N ALA B 123 -27.99 14.49 17.77
CA ALA B 123 -29.42 14.56 18.04
C ALA B 123 -29.96 13.15 18.23
N GLY B 124 -30.71 12.96 19.31
CA GLY B 124 -31.43 11.72 19.48
C GLY B 124 -32.72 11.69 18.67
N VAL B 125 -33.24 10.49 18.46
CA VAL B 125 -34.44 10.34 17.65
C VAL B 125 -35.66 10.60 18.53
N ALA B 126 -36.67 11.22 17.94
CA ALA B 126 -37.97 11.40 18.56
C ALA B 126 -39.03 10.87 17.60
N TYR B 127 -39.84 9.93 18.07
CA TYR B 127 -40.86 9.30 17.24
C TYR B 127 -42.13 10.14 17.30
N LEU B 128 -42.61 10.56 16.13
CA LEU B 128 -43.76 11.45 16.01
C LEU B 128 -44.71 10.93 14.95
N ASP B 129 -45.99 11.28 15.11
CA ASP B 129 -47.02 10.91 14.15
C ASP B 129 -47.29 12.00 13.11
N LYS B 130 -46.98 13.26 13.44
CA LYS B 130 -47.22 14.40 12.58
C LYS B 130 -45.90 15.17 12.38
N PRO B 131 -45.62 15.65 11.16
CA PRO B 131 -46.46 15.61 9.95
C PRO B 131 -46.52 14.21 9.32
N ASN B 132 -45.56 13.35 9.66
CA ASN B 132 -45.54 11.98 9.18
C ASN B 132 -45.17 11.06 10.35
N ARG B 133 -45.55 9.79 10.21
CA ARG B 133 -45.24 8.78 11.23
C ARG B 133 -43.83 8.29 10.97
N ALA B 134 -42.86 8.88 11.67
CA ALA B 134 -41.45 8.60 11.42
C ALA B 134 -40.63 9.09 12.61
N GLY B 135 -39.32 8.87 12.52
CA GLY B 135 -38.40 9.42 13.49
C GLY B 135 -37.92 10.79 13.07
N TYR B 136 -37.58 11.61 14.04
CA TYR B 136 -37.20 12.99 13.74
C TYR B 136 -36.00 13.40 14.58
N PHE B 137 -35.09 14.12 13.94
CA PHE B 137 -33.94 14.70 14.60
C PHE B 137 -33.94 16.20 14.38
N ILE B 138 -33.68 16.95 15.44
CA ILE B 138 -33.63 18.40 15.36
C ILE B 138 -32.32 18.89 15.95
N PHE B 139 -31.72 19.89 15.30
CA PHE B 139 -30.44 20.47 15.70
C PHE B 139 -30.63 21.95 15.99
N PRO B 140 -30.99 22.31 17.23
CA PRO B 140 -31.26 23.72 17.53
C PRO B 140 -30.04 24.50 17.96
N ASP B 141 -28.94 23.83 18.29
CA ASP B 141 -27.81 24.46 18.98
C ASP B 141 -26.52 24.23 18.21
N LEU B 142 -26.54 24.53 16.91
CA LEU B 142 -25.36 24.43 16.07
C LEU B 142 -24.86 25.83 15.71
N SER B 143 -23.57 26.07 15.91
CA SER B 143 -22.97 27.37 15.62
C SER B 143 -21.71 27.19 14.81
N VAL B 144 -21.42 28.18 13.98
CA VAL B 144 -20.28 28.17 13.06
C VAL B 144 -19.38 29.33 13.43
N ARG B 145 -18.07 29.05 13.53
CA ARG B 145 -17.15 30.07 14.01
C ARG B 145 -16.77 31.09 12.94
N ASN B 146 -16.67 30.69 11.69
CA ASN B 146 -16.18 31.58 10.64
C ASN B 146 -17.22 31.76 9.55
N GLU B 147 -17.18 32.93 8.92
CA GLU B 147 -18.09 33.21 7.82
C GLU B 147 -17.72 32.39 6.59
N GLY B 148 -18.70 32.12 5.77
CA GLY B 148 -18.47 31.40 4.53
C GLY B 148 -19.70 30.59 4.15
N SER B 149 -19.57 29.89 3.03
CA SER B 149 -20.60 28.99 2.55
C SER B 149 -20.30 27.58 3.02
N TYR B 150 -21.29 26.94 3.64
CA TYR B 150 -21.08 25.63 4.23
C TYR B 150 -22.19 24.69 3.82
N ARG B 151 -21.98 23.42 4.16
CA ARG B 151 -22.94 22.35 3.99
C ARG B 151 -22.92 21.52 5.26
N PHE B 152 -24.03 20.88 5.55
CA PHE B 152 -24.12 19.99 6.70
C PHE B 152 -24.22 18.56 6.20
N SER B 153 -23.46 17.68 6.83
CA SER B 153 -23.57 16.24 6.60
C SER B 153 -24.10 15.61 7.87
N PHE B 154 -25.16 14.84 7.74
CA PHE B 154 -25.79 14.18 8.87
C PHE B 154 -25.59 12.67 8.76
N HIS B 155 -24.89 12.09 9.74
CA HIS B 155 -24.53 10.67 9.74
C HIS B 155 -25.39 9.94 10.77
N LEU B 156 -25.98 8.82 10.36
CA LEU B 156 -26.89 8.07 11.22
C LEU B 156 -26.15 6.90 11.86
N PHE B 157 -26.28 6.78 13.18
CA PHE B 157 -25.72 5.68 13.95
C PHE B 157 -26.84 4.87 14.57
N GLU B 158 -26.77 3.56 14.45
CA GLU B 158 -27.75 2.64 15.00
C GLU B 158 -27.11 1.86 16.13
N GLN B 159 -27.69 1.95 17.33
CA GLN B 159 -27.23 1.19 18.50
C GLN B 159 -28.23 0.04 18.64
N ILE B 160 -27.79 -1.19 18.36
CA ILE B 160 -28.72 -2.32 18.23
C ILE B 160 -28.95 -2.95 19.60
N LYS B 161 -30.22 -3.23 19.91
CA LYS B 161 -30.60 -3.94 21.14
C LYS B 161 -31.11 -5.35 20.89
N ASP B 162 -31.49 -5.70 19.67
CA ASP B 162 -32.00 -7.04 19.38
C ASP B 162 -31.02 -7.77 18.48
N PRO B 163 -30.39 -8.86 18.96
CA PRO B 163 -29.29 -9.48 18.21
C PRO B 163 -29.66 -9.97 16.82
N LYS B 164 -30.90 -10.43 16.61
CA LYS B 164 -31.24 -10.98 15.30
C LYS B 164 -31.39 -9.90 14.23
N ASP B 165 -31.50 -8.63 14.61
CA ASP B 165 -31.52 -7.54 13.64
C ASP B 165 -30.16 -7.30 12.99
N ALA B 166 -29.10 -7.95 13.49
CA ALA B 166 -27.76 -7.74 12.97
C ALA B 166 -27.64 -8.22 11.52
N THR B 167 -26.67 -7.64 10.83
CA THR B 167 -26.44 -7.93 9.41
C THR B 167 -26.02 -9.40 9.20
N PRO B 184 -17.15 -2.42 26.10
CA PRO B 184 -17.35 -2.52 24.65
C PRO B 184 -18.40 -3.57 24.26
N GLN B 185 -19.24 -3.98 25.21
CA GLN B 185 -20.29 -4.94 24.88
C GLN B 185 -21.37 -4.32 24.01
N GLU B 186 -21.51 -3.01 24.03
CA GLU B 186 -22.45 -2.30 23.18
C GLU B 186 -21.68 -1.79 21.97
N PHE B 187 -22.33 -1.70 20.83
CA PHE B 187 -21.65 -1.29 19.62
C PHE B 187 -22.47 -0.25 18.88
N LEU B 188 -21.78 0.60 18.13
CA LEU B 188 -22.39 1.60 17.27
C LEU B 188 -22.11 1.26 15.82
N GLU B 189 -23.16 1.25 15.01
CA GLU B 189 -23.04 0.96 13.59
C GLU B 189 -23.47 2.16 12.76
N PHE B 190 -22.60 2.59 11.86
CA PHE B 190 -22.95 3.61 10.90
C PHE B 190 -23.85 3.02 9.82
N ARG B 191 -24.85 3.80 9.39
CA ARG B 191 -25.77 3.33 8.37
C ARG B 191 -25.66 4.15 7.09
N LEU B 192 -25.87 5.46 7.15
CA LEU B 192 -25.83 6.29 5.95
C LEU B 192 -25.78 7.75 6.38
N GLU B 193 -25.49 8.60 5.41
CA GLU B 193 -25.42 10.03 5.61
C GLU B 193 -26.31 10.73 4.59
N VAL B 194 -26.76 11.93 4.96
CA VAL B 194 -27.51 12.80 4.05
C VAL B 194 -26.87 14.18 4.13
N ILE B 195 -26.69 14.79 2.96
CA ILE B 195 -25.96 16.04 2.84
C ILE B 195 -26.97 17.14 2.56
N SER B 196 -26.86 18.23 3.31
CA SER B 196 -27.80 19.33 3.24
C SER B 196 -27.44 20.27 2.09
N ASN B 197 -28.35 21.19 1.81
CA ASN B 197 -28.10 22.24 0.85
C ASN B 197 -27.17 23.29 1.46
N PRO B 198 -26.45 24.03 0.64
CA PRO B 198 -25.54 25.05 1.17
C PRO B 198 -26.27 26.14 1.93
N PHE B 199 -25.62 26.64 2.98
CA PHE B 199 -26.14 27.74 3.78
C PHE B 199 -25.01 28.72 4.03
N ILE B 200 -25.38 29.97 4.31
CA ILE B 200 -24.43 31.08 4.37
C ILE B 200 -24.26 31.49 5.83
N VAL B 201 -23.01 31.59 6.26
CA VAL B 201 -22.67 32.15 7.57
C VAL B 201 -22.06 33.51 7.31
N TYR B 202 -22.65 34.56 7.88
CA TYR B 202 -22.25 35.93 7.62
C TYR B 202 -21.69 36.55 8.90
N SER B 203 -20.91 37.60 8.74
CA SER B 203 -20.32 38.32 9.86
C SER B 203 -20.91 39.72 9.95
N ALA B 204 -21.12 40.20 11.18
CA ALA B 204 -21.63 41.54 11.42
C ALA B 204 -20.46 42.46 11.73
N LYS B 205 -20.33 43.53 10.97
CA LYS B 205 -19.26 44.50 11.19
C LYS B 205 -19.51 45.28 12.47
N LYS B 206 -18.44 45.85 13.00
CA LYS B 206 -18.50 46.66 14.21
C LYS B 206 -18.41 48.13 13.84
N PHE B 207 -19.37 48.91 14.32
CA PHE B 207 -19.43 50.35 14.06
C PHE B 207 -19.45 51.04 15.42
N PRO B 208 -18.28 51.36 15.98
CA PRO B 208 -18.24 51.98 17.31
C PRO B 208 -18.92 53.34 17.31
N GLY B 209 -19.73 53.57 18.33
CA GLY B 209 -20.57 54.76 18.37
C GLY B 209 -21.85 54.62 17.61
N LEU B 210 -22.00 53.56 16.83
CA LEU B 210 -23.21 53.23 16.11
C LEU B 210 -23.80 51.89 16.57
N THR B 211 -23.00 50.84 16.60
CA THR B 211 -23.41 49.52 17.07
C THR B 211 -22.74 49.15 18.40
N THR B 212 -22.52 50.13 19.26
CA THR B 212 -21.82 49.94 20.53
C THR B 212 -20.43 49.34 20.32
N GLY C 15 29.74 -17.80 5.15
CA GLY C 15 29.19 -16.69 4.39
C GLY C 15 29.49 -16.79 2.91
N ASN C 16 30.22 -17.83 2.52
CA ASN C 16 30.56 -18.06 1.12
C ASN C 16 29.46 -18.76 0.34
N SER C 17 28.36 -19.14 1.00
CA SER C 17 27.36 -20.00 0.39
C SER C 17 25.96 -19.53 0.76
N ASN C 18 24.97 -20.09 0.07
CA ASN C 18 23.56 -19.88 0.38
C ASN C 18 22.79 -21.11 -0.11
N SER C 19 21.61 -21.32 0.46
CA SER C 19 20.80 -22.46 0.08
C SER C 19 19.32 -22.13 0.16
N VAL C 20 18.54 -22.65 -0.80
CA VAL C 20 17.10 -22.46 -0.84
C VAL C 20 16.45 -23.81 -1.13
N SER C 21 15.16 -23.91 -0.78
CA SER C 21 14.41 -25.14 -0.94
C SER C 21 13.04 -24.86 -1.54
N ARG C 22 12.55 -25.81 -2.33
CA ARG C 22 11.23 -25.75 -2.91
C ARG C 22 10.63 -27.15 -2.86
N ILE C 23 9.37 -27.27 -3.27
CA ILE C 23 8.66 -28.54 -3.23
C ILE C 23 8.09 -28.80 -4.61
N THR C 24 8.29 -30.01 -5.11
CA THR C 24 7.85 -30.38 -6.45
C THR C 24 6.41 -30.92 -6.43
N ARG C 25 5.91 -31.25 -7.62
CA ARG C 25 4.57 -31.79 -7.74
C ARG C 25 4.46 -33.17 -7.12
N GLU C 26 5.56 -33.93 -7.12
CA GLU C 26 5.56 -35.26 -6.51
C GLU C 26 5.73 -35.21 -4.99
N GLY C 27 5.87 -34.02 -4.42
CA GLY C 27 5.98 -33.87 -2.98
C GLY C 27 7.40 -33.94 -2.44
N LYS C 28 8.39 -34.08 -3.31
CA LYS C 28 9.78 -34.10 -2.87
C LYS C 28 10.34 -32.70 -2.70
N LYS C 29 11.04 -32.48 -1.59
CA LYS C 29 11.73 -31.23 -1.36
C LYS C 29 13.01 -31.22 -2.20
N ILE C 30 13.29 -30.07 -2.82
CA ILE C 30 14.47 -29.91 -3.65
C ILE C 30 15.26 -28.69 -3.16
N THR C 31 16.53 -28.91 -2.87
CA THR C 31 17.40 -27.91 -2.27
C THR C 31 18.50 -27.54 -3.24
N TYR C 32 18.68 -26.23 -3.47
CA TYR C 32 19.75 -25.70 -4.30
C TYR C 32 20.76 -25.03 -3.38
N LYS C 33 22.02 -25.43 -3.52
CA LYS C 33 23.11 -24.87 -2.72
C LYS C 33 24.12 -24.22 -3.66
N LEU C 34 24.33 -22.92 -3.46
CA LEU C 34 25.33 -22.15 -4.18
C LEU C 34 26.46 -21.83 -3.23
N ASN C 35 27.69 -21.95 -3.72
CA ASN C 35 28.84 -21.66 -2.88
C ASN C 35 29.97 -21.15 -3.75
N ILE C 36 30.58 -20.05 -3.33
CA ILE C 36 31.57 -19.36 -4.16
C ILE C 36 32.91 -20.04 -3.93
N MET C 37 33.48 -20.60 -5.00
CA MET C 37 34.79 -21.23 -4.96
C MET C 37 35.93 -20.22 -5.06
N GLN C 38 35.81 -19.24 -5.96
CA GLN C 38 36.87 -18.28 -6.23
C GLN C 38 36.28 -16.88 -6.15
N GLN C 39 36.65 -16.16 -5.10
CA GLN C 39 36.14 -14.82 -4.91
C GLN C 39 36.84 -13.84 -5.84
N PRO C 40 36.15 -12.81 -6.29
CA PRO C 40 36.83 -11.74 -7.02
C PRO C 40 37.66 -10.89 -6.09
N LYS C 41 38.81 -10.44 -6.58
CA LYS C 41 39.75 -9.71 -5.74
C LYS C 41 39.96 -8.29 -6.21
N ARG C 42 40.29 -8.08 -7.48
CA ARG C 42 40.65 -6.77 -7.96
C ARG C 42 40.27 -6.61 -9.43
N ALA C 43 40.17 -5.35 -9.84
CA ALA C 43 39.97 -5.03 -11.24
C ALA C 43 40.46 -3.61 -11.46
N ARG C 44 40.85 -3.33 -12.70
CA ARG C 44 41.27 -1.99 -13.09
C ARG C 44 40.11 -1.33 -13.82
N ALA C 45 39.74 -0.13 -13.39
CA ALA C 45 38.61 0.58 -13.98
C ALA C 45 38.74 0.61 -15.50
N CYS C 46 37.64 0.30 -16.18
CA CYS C 46 37.64 0.25 -17.63
C CYS C 46 37.19 1.55 -18.25
N GLY C 47 36.84 2.54 -17.43
CA GLY C 47 36.30 3.79 -17.93
C GLY C 47 37.06 4.99 -17.43
N GLN C 48 38.19 4.76 -16.77
CA GLN C 48 38.95 5.84 -16.16
C GLN C 48 40.44 5.49 -16.17
N GLY C 49 41.26 6.54 -16.10
CA GLY C 49 42.69 6.39 -16.01
C GLY C 49 43.30 5.90 -17.32
N SER C 50 44.47 5.28 -17.17
CA SER C 50 45.19 4.75 -18.33
C SER C 50 44.33 3.73 -19.05
N LYS C 51 44.41 3.73 -20.39
CA LYS C 51 43.67 2.74 -21.16
C LYS C 51 44.59 1.65 -21.70
N SER C 52 45.78 1.52 -21.12
CA SER C 52 46.77 0.51 -21.49
C SER C 52 46.49 -0.73 -20.66
N HIS C 53 47.17 -1.83 -21.00
CA HIS C 53 47.05 -3.08 -20.23
C HIS C 53 45.57 -3.40 -19.99
N THR C 54 44.89 -3.71 -21.09
CA THR C 54 43.47 -4.01 -21.00
C THR C 54 43.22 -5.30 -20.22
N ASP C 55 44.06 -6.32 -20.40
CA ASP C 55 43.76 -7.59 -19.72
C ASP C 55 43.81 -7.43 -18.21
N ARG C 56 44.11 -6.22 -17.73
CA ARG C 56 44.11 -5.95 -16.30
C ARG C 56 42.74 -5.46 -15.82
N ARG C 57 41.78 -5.34 -16.74
CA ARG C 57 40.46 -4.81 -16.42
C ARG C 57 39.50 -5.92 -16.00
N PRO C 58 39.43 -7.05 -16.71
CA PRO C 58 38.57 -8.15 -16.25
C PRO C 58 38.78 -8.42 -14.77
N VAL C 59 37.68 -8.60 -14.05
CA VAL C 59 37.76 -8.88 -12.62
C VAL C 59 38.53 -10.17 -12.40
N ASP C 60 39.59 -10.08 -11.60
CA ASP C 60 40.45 -11.22 -11.33
C ASP C 60 40.53 -11.49 -9.83
N PRO C 61 40.67 -12.76 -9.44
CA PRO C 61 40.52 -13.96 -10.26
C PRO C 61 39.07 -14.12 -10.72
N PRO C 62 38.85 -14.69 -11.90
CA PRO C 62 37.49 -14.86 -12.42
C PRO C 62 36.61 -15.61 -11.43
N PRO C 63 35.50 -15.01 -11.02
CA PRO C 63 34.67 -15.64 -9.99
C PRO C 63 34.18 -17.00 -10.46
N VAL C 64 34.17 -17.95 -9.52
CA VAL C 64 33.72 -19.31 -9.75
C VAL C 64 32.71 -19.66 -8.67
N ILE C 65 31.55 -20.17 -9.10
CA ILE C 65 30.45 -20.52 -8.22
C ILE C 65 30.09 -21.98 -8.45
N GLU C 66 29.95 -22.71 -7.34
CA GLU C 66 29.65 -24.13 -7.32
C GLU C 66 28.18 -24.36 -6.94
N LEU C 67 27.53 -25.26 -7.69
CA LEU C 67 26.11 -25.54 -7.53
C LEU C 67 25.90 -27.01 -7.20
N ASN C 68 25.10 -27.28 -6.17
CA ASN C 68 24.69 -28.63 -5.82
C ASN C 68 23.18 -28.66 -5.65
N ILE C 69 22.58 -29.80 -6.00
CA ILE C 69 21.13 -29.98 -5.94
C ILE C 69 20.86 -31.24 -5.11
N PHE C 70 19.92 -31.14 -4.18
CA PHE C 70 19.61 -32.21 -3.25
C PHE C 70 18.13 -32.57 -3.29
N GLU C 71 17.84 -33.86 -3.29
CA GLU C 71 16.48 -34.37 -3.17
C GLU C 71 16.24 -34.83 -1.74
N SER C 72 15.04 -34.57 -1.24
CA SER C 72 14.74 -34.88 0.15
C SER C 72 13.25 -35.13 0.30
N ASP C 73 12.90 -35.76 1.40
CA ASP C 73 11.52 -35.92 1.85
C ASP C 73 11.21 -34.87 2.90
N PRO C 74 10.14 -34.10 2.74
CA PRO C 74 9.89 -32.99 3.68
C PRO C 74 9.69 -33.43 5.12
N HIS C 75 9.31 -34.69 5.35
CA HIS C 75 9.12 -35.14 6.73
C HIS C 75 10.46 -35.27 7.45
N ASP C 76 11.50 -35.73 6.74
CA ASP C 76 12.82 -35.93 7.33
C ASP C 76 13.82 -35.06 6.57
N ASP C 77 14.24 -33.97 7.20
CA ASP C 77 15.16 -33.01 6.58
C ASP C 77 16.62 -33.30 6.89
N SER C 78 16.91 -34.34 7.69
CA SER C 78 18.28 -34.65 8.06
C SER C 78 18.99 -35.52 7.04
N ASN C 79 18.26 -36.08 6.07
CA ASN C 79 18.82 -36.95 5.04
C ASN C 79 18.50 -36.34 3.69
N LYS C 80 19.51 -36.19 2.84
CA LYS C 80 19.34 -35.63 1.51
C LYS C 80 20.14 -36.49 0.54
N THR C 81 19.84 -36.34 -0.75
CA THR C 81 20.51 -37.11 -1.79
C THR C 81 21.03 -36.13 -2.82
N ASP C 82 22.34 -36.20 -3.11
CA ASP C 82 22.91 -35.33 -4.13
C ASP C 82 22.49 -35.83 -5.50
N ILE C 83 21.70 -35.03 -6.22
CA ILE C 83 21.20 -35.42 -7.53
C ILE C 83 21.67 -34.46 -8.60
N THR C 84 22.83 -33.85 -8.40
CA THR C 84 23.26 -32.77 -9.28
C THR C 84 23.41 -33.23 -10.73
N PHE C 85 23.97 -34.42 -10.94
CA PHE C 85 24.18 -34.93 -12.29
C PHE C 85 22.95 -35.63 -12.86
N VAL C 86 21.93 -35.89 -12.05
CA VAL C 86 20.73 -36.60 -12.50
C VAL C 86 19.60 -35.62 -12.78
N TYR C 87 19.51 -34.55 -11.98
CA TYR C 87 18.49 -33.52 -12.16
C TYR C 87 18.62 -32.88 -13.54
N ASN C 88 17.63 -33.09 -14.40
CA ASN C 88 17.70 -32.64 -15.79
C ASN C 88 17.01 -31.28 -15.90
N ALA C 89 17.80 -30.21 -15.95
CA ALA C 89 17.30 -28.86 -16.15
C ALA C 89 18.44 -27.99 -16.63
N ASN C 90 18.10 -26.88 -17.27
CA ASN C 90 19.10 -25.90 -17.69
C ASN C 90 19.28 -24.88 -16.58
N PHE C 91 20.51 -24.47 -16.37
CA PHE C 91 20.83 -23.54 -15.29
C PHE C 91 21.63 -22.37 -15.82
N PHE C 92 21.34 -21.17 -15.32
CA PHE C 92 22.09 -19.99 -15.69
C PHE C 92 22.39 -19.20 -14.42
N LEU C 93 23.50 -18.49 -14.44
CA LEU C 93 23.89 -17.63 -13.32
C LEU C 93 24.14 -16.24 -13.84
N PHE C 94 23.45 -15.27 -13.25
CA PHE C 94 23.47 -13.88 -13.68
C PHE C 94 24.17 -13.06 -12.61
N ALA C 95 25.12 -12.22 -13.02
CA ALA C 95 25.92 -11.43 -12.09
C ALA C 95 25.43 -10.00 -12.10
N THR C 96 25.21 -9.45 -10.92
CA THR C 96 24.88 -8.04 -10.75
C THR C 96 25.92 -7.38 -9.84
N LEU C 97 26.17 -6.11 -10.11
CA LEU C 97 27.18 -5.34 -9.41
C LEU C 97 26.49 -4.44 -8.39
N GLU C 98 26.87 -4.57 -7.13
CA GLU C 98 26.29 -3.80 -6.04
C GLU C 98 27.36 -2.91 -5.44
N PRO C 99 27.20 -1.59 -5.47
CA PRO C 99 28.16 -0.72 -4.77
C PRO C 99 28.16 -1.05 -3.29
N GLU C 100 29.35 -1.02 -2.68
CA GLU C 100 29.44 -1.28 -1.25
C GLU C 100 28.93 -0.09 -0.45
N ARG C 101 29.57 1.08 -0.62
CA ARG C 101 29.10 2.29 0.05
C ARG C 101 29.69 3.56 -0.59
N PRO C 102 29.15 4.02 -1.71
CA PRO C 102 29.59 5.31 -2.27
C PRO C 102 29.00 6.52 -1.56
N ILE C 103 28.16 6.32 -0.54
CA ILE C 103 27.53 7.42 0.21
C ILE C 103 26.76 8.34 -0.74
N GLY C 113 21.38 5.03 -20.58
CA GLY C 113 22.77 5.42 -20.76
C GLY C 113 23.71 4.22 -20.81
N SER C 114 24.90 4.41 -20.23
CA SER C 114 25.91 3.37 -20.23
C SER C 114 25.98 2.67 -18.86
N PRO C 115 26.21 1.36 -18.87
CA PRO C 115 26.21 0.59 -17.62
C PRO C 115 27.57 0.61 -16.93
N VAL C 116 27.57 0.12 -15.70
CA VAL C 116 28.81 0.03 -14.94
C VAL C 116 29.43 -1.35 -15.08
N LEU C 117 28.62 -2.40 -15.05
CA LEU C 117 29.10 -3.75 -15.28
C LEU C 117 29.04 -4.02 -16.78
N THR C 118 30.18 -4.31 -17.39
CA THR C 118 30.27 -4.59 -18.81
C THR C 118 30.83 -6.00 -19.03
N GLY C 119 30.58 -6.54 -20.22
CA GLY C 119 31.01 -7.88 -20.52
C GLY C 119 29.85 -8.85 -20.60
N VAL C 120 30.10 -10.13 -20.32
CA VAL C 120 29.07 -11.16 -20.37
C VAL C 120 28.69 -11.50 -18.94
N PRO C 121 27.53 -11.07 -18.45
CA PRO C 121 27.15 -11.31 -17.06
C PRO C 121 26.35 -12.59 -16.83
N VAL C 122 26.19 -13.44 -17.84
CA VAL C 122 25.46 -14.69 -17.72
C VAL C 122 26.41 -15.84 -18.02
N ALA C 123 26.49 -16.79 -17.10
CA ALA C 123 27.35 -17.96 -17.26
C ALA C 123 26.49 -19.21 -17.29
N GLY C 124 26.80 -20.13 -18.20
CA GLY C 124 26.15 -21.42 -18.20
C GLY C 124 26.84 -22.39 -17.27
N VAL C 125 26.17 -23.50 -16.99
CA VAL C 125 26.67 -24.46 -16.03
C VAL C 125 27.55 -25.48 -16.75
N ALA C 126 28.63 -25.88 -16.07
CA ALA C 126 29.49 -26.96 -16.52
C ALA C 126 29.65 -27.97 -15.39
N TYR C 127 29.35 -29.23 -15.67
CA TYR C 127 29.38 -30.28 -14.67
C TYR C 127 30.78 -30.88 -14.63
N LEU C 128 31.39 -30.91 -13.44
CA LEU C 128 32.77 -31.32 -13.29
C LEU C 128 32.90 -32.25 -12.10
N ASP C 129 33.94 -33.09 -12.12
CA ASP C 129 34.21 -33.99 -11.00
C ASP C 129 35.27 -33.47 -10.04
N LYS C 130 36.05 -32.47 -10.45
CA LYS C 130 37.07 -31.87 -9.62
C LYS C 130 36.90 -30.36 -9.59
N PRO C 131 37.17 -29.72 -8.45
CA PRO C 131 37.63 -30.31 -7.17
C PRO C 131 36.53 -31.08 -6.46
N ASN C 132 35.27 -30.76 -6.77
CA ASN C 132 34.13 -31.49 -6.27
C ASN C 132 33.22 -31.85 -7.43
N ARG C 133 32.44 -32.90 -7.25
CA ARG C 133 31.49 -33.33 -8.28
C ARG C 133 30.24 -32.47 -8.14
N ALA C 134 30.13 -31.45 -9.00
CA ALA C 134 29.06 -30.46 -8.91
C ALA C 134 29.02 -29.67 -10.21
N GLY C 135 28.05 -28.75 -10.29
CA GLY C 135 27.99 -27.81 -11.38
C GLY C 135 28.83 -26.59 -11.06
N TYR C 136 29.33 -25.93 -12.11
CA TYR C 136 30.26 -24.83 -11.95
C TYR C 136 29.94 -23.73 -12.94
N PHE C 137 30.02 -22.48 -12.46
CA PHE C 137 29.89 -21.29 -13.28
C PHE C 137 31.15 -20.44 -13.14
N ILE C 138 31.65 -19.91 -14.26
CA ILE C 138 32.83 -19.07 -14.27
C ILE C 138 32.52 -17.78 -15.00
N PHE C 139 33.01 -16.66 -14.46
CA PHE C 139 32.76 -15.32 -15.00
C PHE C 139 34.10 -14.68 -15.35
N PRO C 140 34.63 -14.95 -16.55
CA PRO C 140 35.96 -14.42 -16.88
C PRO C 140 35.95 -13.08 -17.59
N ASP C 141 34.78 -12.55 -17.95
CA ASP C 141 34.68 -11.39 -18.83
C ASP C 141 33.80 -10.32 -18.18
N LEU C 142 34.11 -9.95 -16.94
CA LEU C 142 33.39 -8.90 -16.23
C LEU C 142 34.27 -7.67 -16.06
N SER C 143 33.75 -6.50 -16.43
CA SER C 143 34.47 -5.24 -16.33
C SER C 143 33.63 -4.20 -15.60
N VAL C 144 34.31 -3.33 -14.86
CA VAL C 144 33.70 -2.29 -14.05
C VAL C 144 34.20 -0.94 -14.55
N ARG C 145 33.26 -0.02 -14.77
CA ARG C 145 33.58 1.25 -15.41
C ARG C 145 34.33 2.19 -14.47
N ASN C 146 33.91 2.27 -13.21
CA ASN C 146 34.43 3.28 -12.27
C ASN C 146 35.03 2.62 -11.04
N GLU C 147 36.02 3.28 -10.47
CA GLU C 147 36.69 2.74 -9.30
C GLU C 147 35.77 2.77 -8.09
N GLY C 148 36.01 1.85 -7.16
CA GLY C 148 35.24 1.81 -5.93
C GLY C 148 35.30 0.43 -5.29
N SER C 149 34.48 0.27 -4.26
CA SER C 149 34.31 -1.00 -3.58
C SER C 149 32.97 -1.60 -3.98
N TYR C 150 32.99 -2.85 -4.43
CA TYR C 150 31.83 -3.48 -5.00
C TYR C 150 31.67 -4.88 -4.43
N ARG C 151 30.45 -5.40 -4.59
CA ARG C 151 30.14 -6.79 -4.31
C ARG C 151 29.47 -7.34 -5.55
N PHE C 152 29.57 -8.65 -5.73
CA PHE C 152 28.89 -9.34 -6.81
C PHE C 152 27.75 -10.14 -6.22
N SER C 153 26.59 -10.03 -6.86
CA SER C 153 25.43 -10.84 -6.54
C SER C 153 25.19 -11.75 -7.73
N PHE C 154 25.20 -13.05 -7.48
CA PHE C 154 25.01 -14.06 -8.52
C PHE C 154 23.63 -14.67 -8.35
N HIS C 155 22.80 -14.56 -9.38
CA HIS C 155 21.42 -15.01 -9.34
C HIS C 155 21.25 -16.24 -10.22
N LEU C 156 20.67 -17.30 -9.65
CA LEU C 156 20.52 -18.57 -10.34
C LEU C 156 19.15 -18.68 -10.97
N PHE C 157 19.14 -19.03 -12.26
CA PHE C 157 17.92 -19.22 -13.04
C PHE C 157 17.82 -20.67 -13.48
N GLU C 158 16.66 -21.27 -13.26
CA GLU C 158 16.40 -22.64 -13.66
C GLU C 158 15.35 -22.66 -14.75
N GLN C 159 15.66 -23.35 -15.85
CA GLN C 159 14.74 -23.57 -16.96
C GLN C 159 14.39 -25.05 -16.91
N ILE C 160 13.14 -25.36 -16.61
CA ILE C 160 12.72 -26.72 -16.31
C ILE C 160 12.39 -27.46 -17.60
N LYS C 161 12.91 -28.68 -17.72
CA LYS C 161 12.68 -29.54 -18.87
C LYS C 161 11.64 -30.62 -18.62
N ASP C 162 11.53 -31.12 -17.38
CA ASP C 162 10.54 -32.13 -17.03
C ASP C 162 9.44 -31.51 -16.20
N PRO C 163 8.17 -31.60 -16.64
CA PRO C 163 7.08 -30.96 -15.88
C PRO C 163 6.90 -31.51 -14.47
N LYS C 164 7.38 -32.71 -14.18
CA LYS C 164 7.32 -33.24 -12.81
C LYS C 164 8.23 -32.50 -11.84
N ASP C 165 9.17 -31.69 -12.34
CA ASP C 165 10.03 -30.87 -11.50
C ASP C 165 9.38 -29.54 -11.10
N ALA C 166 8.19 -29.25 -11.59
CA ALA C 166 7.58 -27.95 -11.33
C ALA C 166 7.27 -27.80 -9.84
N THR C 167 7.23 -26.55 -9.39
CA THR C 167 6.93 -26.25 -8.00
C THR C 167 5.48 -26.55 -7.66
N PRO C 184 7.98 -19.72 -30.25
CA PRO C 184 7.29 -20.28 -29.09
C PRO C 184 7.64 -19.61 -27.76
N GLN C 185 7.56 -20.35 -26.66
CA GLN C 185 7.81 -19.81 -25.34
C GLN C 185 8.35 -20.89 -24.42
N GLU C 186 8.90 -20.46 -23.29
CA GLU C 186 9.43 -21.36 -22.27
C GLU C 186 9.31 -20.66 -20.93
N PHE C 187 9.76 -21.33 -19.87
CA PHE C 187 9.63 -20.80 -18.51
C PHE C 187 10.99 -20.66 -17.85
N LEU C 188 11.29 -19.47 -17.34
CA LEU C 188 12.53 -19.20 -16.62
C LEU C 188 12.16 -18.90 -15.17
N GLU C 189 12.74 -19.64 -14.23
CA GLU C 189 12.41 -19.50 -12.82
C GLU C 189 13.66 -19.10 -12.04
N PHE C 190 13.55 -18.01 -11.27
CA PHE C 190 14.62 -17.66 -10.33
C PHE C 190 14.62 -18.59 -9.12
N ARG C 191 15.81 -18.99 -8.68
CA ARG C 191 15.91 -19.93 -7.56
C ARG C 191 16.52 -19.28 -6.32
N LEU C 192 17.72 -18.75 -6.42
CA LEU C 192 18.36 -18.13 -5.25
C LEU C 192 19.51 -17.26 -5.71
N GLU C 193 20.17 -16.64 -4.74
CA GLU C 193 21.20 -15.66 -4.97
C GLU C 193 22.31 -15.84 -3.95
N VAL C 194 23.55 -15.58 -4.37
CA VAL C 194 24.70 -15.63 -3.49
C VAL C 194 25.52 -14.37 -3.72
N ILE C 195 25.95 -13.74 -2.63
CA ILE C 195 26.63 -12.46 -2.66
C ILE C 195 28.10 -12.68 -2.33
N SER C 196 28.98 -12.09 -3.14
CA SER C 196 30.41 -12.25 -3.02
C SER C 196 30.98 -11.36 -1.93
N ASN C 197 32.24 -11.64 -1.57
CA ASN C 197 32.99 -10.74 -0.71
C ASN C 197 33.30 -9.46 -1.47
N PRO C 198 33.49 -8.35 -0.77
CA PRO C 198 33.80 -7.10 -1.47
C PRO C 198 35.14 -7.20 -2.20
N PHE C 199 35.22 -6.50 -3.32
CA PHE C 199 36.46 -6.41 -4.07
C PHE C 199 36.65 -4.96 -4.49
N ILE C 200 37.87 -4.64 -4.90
CA ILE C 200 38.30 -3.27 -5.13
C ILE C 200 38.57 -3.08 -6.61
N VAL C 201 37.98 -2.04 -7.19
CA VAL C 201 38.29 -1.58 -8.52
C VAL C 201 39.08 -0.29 -8.38
N TYR C 202 40.27 -0.25 -8.96
CA TYR C 202 41.18 0.87 -8.80
C TYR C 202 41.42 1.53 -10.15
N SER C 203 41.85 2.79 -10.10
CA SER C 203 42.18 3.56 -11.29
C SER C 203 43.69 3.73 -11.38
N ALA C 204 44.25 3.48 -12.56
CA ALA C 204 45.67 3.72 -12.81
C ALA C 204 45.82 5.12 -13.38
N LYS C 205 46.47 6.01 -12.62
CA LYS C 205 46.63 7.38 -13.06
C LYS C 205 47.48 7.49 -14.32
N LYS C 206 47.15 8.47 -15.15
CA LYS C 206 47.91 8.73 -16.36
C LYS C 206 49.12 9.60 -16.02
N PHE C 207 50.29 9.19 -16.52
CA PHE C 207 51.54 9.90 -16.32
C PHE C 207 52.20 10.10 -17.68
N PRO C 208 51.84 11.17 -18.39
CA PRO C 208 52.40 11.42 -19.72
C PRO C 208 53.89 11.68 -19.56
N GLY C 209 54.70 10.90 -20.29
CA GLY C 209 56.15 10.93 -20.17
C GLY C 209 56.69 9.68 -19.52
N LEU C 210 55.93 9.11 -18.58
CA LEU C 210 56.30 7.87 -17.90
C LEU C 210 55.45 6.72 -18.44
N THR C 211 54.15 6.76 -18.17
CA THR C 211 53.27 5.64 -18.56
C THR C 211 53.32 5.41 -20.07
N THR C 212 53.43 6.48 -20.85
CA THR C 212 53.51 6.45 -22.32
C THR C 212 52.75 5.31 -23.01
N GLY D 15 15.11 8.92 -15.65
CA GLY D 15 14.21 8.63 -16.74
C GLY D 15 13.43 7.34 -16.55
N ASN D 16 12.37 7.16 -17.33
CA ASN D 16 11.53 5.98 -17.26
C ASN D 16 11.90 4.92 -18.30
N SER D 17 12.94 5.14 -19.08
CA SER D 17 13.24 4.26 -20.20
C SER D 17 14.74 4.10 -20.36
N ASN D 18 15.12 3.03 -21.08
CA ASN D 18 16.50 2.73 -21.40
C ASN D 18 16.55 1.88 -22.67
N SER D 19 17.53 2.14 -23.53
CA SER D 19 17.64 1.44 -24.80
C SER D 19 19.08 1.02 -25.06
N VAL D 20 19.21 -0.05 -25.84
CA VAL D 20 20.51 -0.57 -26.24
C VAL D 20 20.38 -1.10 -27.67
N SER D 21 21.48 -0.99 -28.42
CA SER D 21 21.50 -1.40 -29.82
C SER D 21 22.54 -2.50 -30.04
N ARG D 22 22.25 -3.37 -31.00
CA ARG D 22 23.20 -4.42 -31.38
C ARG D 22 23.06 -4.65 -32.88
N ILE D 23 23.97 -5.44 -33.43
CA ILE D 23 23.97 -5.76 -34.85
C ILE D 23 23.98 -7.27 -35.00
N THR D 24 23.09 -7.79 -35.83
CA THR D 24 22.94 -9.22 -36.01
C THR D 24 23.89 -9.73 -37.10
N ARG D 25 23.86 -11.05 -37.31
CA ARG D 25 24.71 -11.65 -38.33
C ARG D 25 24.31 -11.19 -39.73
N GLU D 26 23.04 -10.87 -39.93
CA GLU D 26 22.52 -10.52 -41.25
C GLU D 26 22.68 -9.04 -41.58
N GLY D 27 23.28 -8.26 -40.70
CA GLY D 27 23.62 -6.89 -40.99
C GLY D 27 22.62 -5.84 -40.52
N LYS D 28 21.57 -6.24 -39.82
CA LYS D 28 20.56 -5.29 -39.37
C LYS D 28 20.86 -4.81 -37.95
N LYS D 29 20.60 -3.53 -37.71
CA LYS D 29 20.73 -2.94 -36.39
C LYS D 29 19.41 -3.12 -35.64
N ILE D 30 19.48 -3.78 -34.49
CA ILE D 30 18.32 -4.14 -33.70
C ILE D 30 18.39 -3.36 -32.40
N THR D 31 17.32 -2.63 -32.08
CA THR D 31 17.26 -1.77 -30.92
C THR D 31 16.19 -2.27 -29.96
N TYR D 32 16.57 -2.46 -28.71
CA TYR D 32 15.67 -2.85 -27.63
C TYR D 32 15.36 -1.63 -26.77
N LYS D 33 14.07 -1.44 -26.49
CA LYS D 33 13.61 -0.34 -25.65
C LYS D 33 12.74 -0.88 -24.53
N LEU D 34 13.12 -0.57 -23.30
CA LEU D 34 12.37 -0.91 -22.11
C LEU D 34 11.85 0.40 -21.52
N ASN D 35 10.56 0.46 -21.25
CA ASN D 35 10.02 1.68 -20.67
C ASN D 35 9.02 1.28 -19.59
N ILE D 36 9.15 1.89 -18.41
CA ILE D 36 8.34 1.53 -17.26
C ILE D 36 7.00 2.27 -17.36
N MET D 37 5.93 1.52 -17.64
CA MET D 37 4.59 2.08 -17.77
C MET D 37 3.96 2.41 -16.42
N GLN D 38 4.21 1.57 -15.43
CA GLN D 38 3.59 1.70 -14.11
C GLN D 38 4.65 1.51 -13.04
N GLN D 39 5.00 2.58 -12.36
CA GLN D 39 5.99 2.54 -11.31
C GLN D 39 5.36 2.10 -9.99
N PRO D 40 6.14 1.47 -9.11
CA PRO D 40 5.69 1.29 -7.74
C PRO D 40 5.93 2.56 -6.94
N LYS D 41 4.96 2.92 -6.12
CA LYS D 41 5.03 4.13 -5.31
C LYS D 41 5.44 3.83 -3.88
N ARG D 42 4.73 2.90 -3.24
N ARG D 42 4.69 2.94 -3.21
CA ARG D 42 5.02 2.53 -1.87
CA ARG D 42 4.99 2.55 -1.84
C ARG D 42 4.54 1.11 -1.64
C ARG D 42 4.50 1.12 -1.61
N ALA D 43 5.07 0.48 -0.59
CA ALA D 43 4.71 -0.89 -0.27
C ALA D 43 4.84 -1.09 1.22
N ARG D 44 4.22 -2.17 1.71
CA ARG D 44 4.26 -2.53 3.12
C ARG D 44 5.25 -3.66 3.34
N ALA D 45 6.17 -3.47 4.27
CA ALA D 45 7.17 -4.50 4.56
C ALA D 45 6.48 -5.77 5.03
N CYS D 46 6.89 -6.91 4.46
CA CYS D 46 6.32 -8.20 4.82
C CYS D 46 7.08 -8.89 5.95
N GLY D 47 8.20 -8.33 6.39
CA GLY D 47 8.95 -8.91 7.48
C GLY D 47 9.51 -10.29 7.11
N GLN D 48 9.75 -11.08 8.15
CA GLN D 48 10.19 -12.46 7.98
C GLN D 48 9.49 -13.33 9.02
N GLY D 49 9.84 -14.62 9.02
CA GLY D 49 9.30 -15.55 9.98
C GLY D 49 8.09 -16.29 9.47
N SER D 50 7.46 -17.02 10.39
CA SER D 50 6.32 -17.88 10.04
C SER D 50 5.15 -17.07 9.49
N LYS D 51 4.85 -15.93 10.09
CA LYS D 51 3.73 -15.12 9.61
C LYS D 51 3.98 -14.55 8.21
N SER D 52 5.23 -14.23 7.90
CA SER D 52 5.54 -13.61 6.61
C SER D 52 5.24 -14.52 5.43
N HIS D 53 5.33 -15.84 5.62
CA HIS D 53 5.16 -16.78 4.53
C HIS D 53 3.70 -16.97 4.10
N THR D 54 2.74 -16.44 4.87
CA THR D 54 1.34 -16.54 4.50
C THR D 54 0.53 -15.28 4.75
N ASP D 55 1.16 -14.18 5.18
CA ASP D 55 0.45 -12.94 5.47
C ASP D 55 1.16 -11.73 4.87
N ARG D 56 1.63 -11.86 3.63
CA ARG D 56 2.33 -10.78 2.96
C ARG D 56 1.43 -10.09 1.95
N ARG D 57 1.85 -8.90 1.51
CA ARG D 57 1.05 -8.05 0.64
C ARG D 57 1.89 -7.54 -0.52
N PRO D 58 1.55 -7.89 -1.77
CA PRO D 58 2.42 -7.53 -2.90
C PRO D 58 2.44 -6.02 -3.14
N VAL D 59 3.52 -5.58 -3.79
CA VAL D 59 3.63 -4.16 -4.16
C VAL D 59 2.47 -3.79 -5.06
N ASP D 60 1.91 -2.60 -4.83
CA ASP D 60 0.78 -2.11 -5.59
C ASP D 60 0.99 -0.64 -5.92
N PRO D 61 0.72 -0.22 -7.16
CA PRO D 61 0.28 -1.03 -8.30
C PRO D 61 1.42 -1.88 -8.83
N PRO D 62 1.12 -3.04 -9.39
CA PRO D 62 2.17 -3.94 -9.89
C PRO D 62 2.97 -3.26 -10.97
N PRO D 63 4.29 -3.38 -10.94
CA PRO D 63 5.11 -2.76 -11.98
C PRO D 63 4.80 -3.36 -13.35
N VAL D 64 4.74 -2.47 -14.34
CA VAL D 64 4.48 -2.80 -15.73
C VAL D 64 5.63 -2.22 -16.55
N ILE D 65 6.26 -3.07 -17.36
CA ILE D 65 7.37 -2.66 -18.20
C ILE D 65 7.02 -3.00 -19.64
N GLU D 66 7.21 -2.01 -20.52
CA GLU D 66 6.92 -2.12 -21.94
C GLU D 66 8.23 -2.36 -22.69
N LEU D 67 8.22 -3.35 -23.58
CA LEU D 67 9.36 -3.70 -24.41
C LEU D 67 9.03 -3.44 -25.87
N ASN D 68 9.91 -2.74 -26.58
CA ASN D 68 9.77 -2.50 -28.00
C ASN D 68 11.07 -2.84 -28.70
N ILE D 69 10.97 -3.56 -29.81
CA ILE D 69 12.12 -3.96 -30.61
C ILE D 69 12.01 -3.27 -31.95
N PHE D 70 13.08 -2.60 -32.37
CA PHE D 70 13.08 -1.83 -33.59
C PHE D 70 14.13 -2.38 -34.54
N GLU D 71 13.75 -2.65 -35.78
CA GLU D 71 14.69 -3.01 -36.83
C GLU D 71 15.05 -1.76 -37.61
N SER D 72 16.32 -1.64 -37.96
CA SER D 72 16.75 -0.56 -38.83
C SER D 72 17.96 -1.03 -39.62
N ASP D 73 18.19 -0.37 -40.75
CA ASP D 73 19.47 -0.48 -41.42
C ASP D 73 20.45 0.50 -40.79
N PRO D 74 21.64 0.05 -40.39
CA PRO D 74 22.62 0.97 -39.79
C PRO D 74 23.02 2.12 -40.70
N HIS D 75 22.84 2.00 -42.01
CA HIS D 75 23.11 3.10 -42.91
C HIS D 75 22.12 4.24 -42.71
N ASP D 76 20.82 3.92 -42.68
CA ASP D 76 19.75 4.90 -42.52
C ASP D 76 18.95 4.55 -41.26
N ASP D 77 19.15 5.34 -40.20
CA ASP D 77 18.41 5.20 -38.97
C ASP D 77 17.16 6.07 -38.91
N SER D 78 16.92 6.89 -39.94
CA SER D 78 15.70 7.69 -40.00
C SER D 78 14.47 6.83 -40.23
N ASN D 79 14.63 5.60 -40.70
CA ASN D 79 13.51 4.68 -40.87
C ASN D 79 13.62 3.55 -39.86
N LYS D 80 12.64 3.44 -38.98
CA LYS D 80 12.62 2.41 -37.95
C LYS D 80 11.34 1.59 -38.09
N THR D 81 11.43 0.31 -37.73
CA THR D 81 10.31 -0.61 -37.84
C THR D 81 10.18 -1.43 -36.57
N ASP D 82 9.04 -1.31 -35.89
CA ASP D 82 8.77 -2.11 -34.70
C ASP D 82 8.55 -3.56 -35.11
N ILE D 83 9.39 -4.46 -34.60
CA ILE D 83 9.33 -5.87 -34.95
C ILE D 83 8.93 -6.73 -33.75
N THR D 84 8.27 -6.14 -32.75
CA THR D 84 8.10 -6.82 -31.47
C THR D 84 7.33 -8.13 -31.64
N PHE D 85 6.27 -8.12 -32.44
CA PHE D 85 5.45 -9.31 -32.63
C PHE D 85 6.11 -10.35 -33.53
N VAL D 86 6.95 -9.94 -34.47
CA VAL D 86 7.53 -10.88 -35.42
C VAL D 86 8.84 -11.47 -34.92
N TYR D 87 9.63 -10.68 -34.18
CA TYR D 87 10.89 -11.15 -33.63
C TYR D 87 10.69 -12.43 -32.82
N ASN D 88 11.28 -13.52 -33.29
CA ASN D 88 11.00 -14.86 -32.77
C ASN D 88 12.08 -15.21 -31.75
N ALA D 89 11.79 -14.90 -30.50
CA ALA D 89 12.70 -15.21 -29.40
C ALA D 89 11.94 -15.10 -28.09
N ASN D 90 12.37 -15.87 -27.11
CA ASN D 90 11.80 -15.80 -25.77
C ASN D 90 12.41 -14.62 -25.03
N PHE D 91 11.58 -13.95 -24.23
CA PHE D 91 12.04 -12.80 -23.45
C PHE D 91 11.61 -13.01 -22.01
N PHE D 92 12.52 -12.69 -21.09
CA PHE D 92 12.21 -12.72 -19.67
C PHE D 92 12.71 -11.44 -19.05
N LEU D 93 12.01 -10.98 -18.02
CA LEU D 93 12.41 -9.80 -17.28
C LEU D 93 12.59 -10.14 -15.82
N PHE D 94 13.73 -9.77 -15.28
CA PHE D 94 14.12 -10.11 -13.92
C PHE D 94 14.22 -8.84 -13.09
N ALA D 95 13.60 -8.85 -11.91
CA ALA D 95 13.54 -7.69 -11.04
C ALA D 95 14.51 -7.89 -9.87
N THR D 96 15.31 -6.88 -9.59
CA THR D 96 16.19 -6.86 -8.43
C THR D 96 15.90 -5.60 -7.61
N LEU D 97 16.16 -5.69 -6.31
CA LEU D 97 15.92 -4.60 -5.38
C LEU D 97 17.24 -3.94 -5.01
N GLU D 98 17.33 -2.64 -5.23
CA GLU D 98 18.56 -1.90 -4.95
C GLU D 98 18.29 -0.79 -3.95
N PRO D 99 18.87 -0.84 -2.76
CA PRO D 99 18.67 0.25 -1.80
C PRO D 99 19.17 1.58 -2.37
N GLU D 100 18.40 2.64 -2.13
CA GLU D 100 18.86 3.97 -2.52
C GLU D 100 20.08 4.38 -1.70
N ARG D 101 20.12 4.00 -0.43
CA ARG D 101 21.30 4.19 0.39
C ARG D 101 22.08 2.88 0.39
N PRO D 102 23.28 2.83 -0.20
CA PRO D 102 24.05 1.57 -0.24
C PRO D 102 24.41 1.01 1.12
N ILE D 103 24.00 1.71 2.18
CA ILE D 103 24.05 1.21 3.55
C ILE D 103 23.52 -0.21 3.66
N PRO D 115 17.40 -12.94 1.08
CA PRO D 115 16.26 -12.61 0.23
C PRO D 115 15.51 -11.36 0.71
N VAL D 116 15.96 -10.17 0.30
CA VAL D 116 15.27 -8.94 0.68
C VAL D 116 14.04 -8.71 -0.20
N LEU D 117 14.08 -9.12 -1.46
CA LEU D 117 12.92 -9.14 -2.34
C LEU D 117 12.41 -10.58 -2.46
N THR D 118 11.11 -10.75 -2.26
CA THR D 118 10.49 -12.06 -2.23
C THR D 118 9.31 -12.11 -3.19
N GLY D 119 8.91 -13.33 -3.54
CA GLY D 119 7.84 -13.55 -4.49
C GLY D 119 8.35 -14.14 -5.78
N VAL D 120 7.74 -13.79 -6.90
CA VAL D 120 8.19 -14.24 -8.21
C VAL D 120 8.84 -13.05 -8.91
N PRO D 121 10.16 -13.02 -9.02
CA PRO D 121 10.85 -11.86 -9.60
C PRO D 121 11.07 -11.95 -11.09
N VAL D 122 10.56 -12.98 -11.75
CA VAL D 122 10.73 -13.17 -13.19
C VAL D 122 9.36 -13.11 -13.86
N ALA D 123 9.25 -12.29 -14.90
CA ALA D 123 8.02 -12.14 -15.66
C ALA D 123 8.27 -12.52 -17.11
N GLY D 124 7.38 -13.33 -17.66
CA GLY D 124 7.40 -13.59 -19.08
C GLY D 124 6.68 -12.51 -19.86
N VAL D 125 6.96 -12.45 -21.17
CA VAL D 125 6.41 -11.38 -21.99
C VAL D 125 4.99 -11.77 -22.42
N ALA D 126 4.15 -10.75 -22.53
CA ALA D 126 2.83 -10.87 -23.16
C ALA D 126 2.68 -9.81 -24.23
N TYR D 127 2.40 -10.24 -25.46
CA TYR D 127 2.30 -9.34 -26.60
C TYR D 127 0.88 -8.80 -26.66
N LEU D 128 0.74 -7.47 -26.68
CA LEU D 128 -0.56 -6.83 -26.63
C LEU D 128 -0.62 -5.66 -27.60
N ASP D 129 -1.83 -5.29 -27.99
CA ASP D 129 -2.01 -4.19 -28.92
C ASP D 129 -2.40 -2.88 -28.25
N LYS D 130 -2.97 -2.94 -27.04
CA LYS D 130 -3.39 -1.76 -26.29
C LYS D 130 -2.74 -1.75 -24.90
N PRO D 131 -2.28 -0.59 -24.42
CA PRO D 131 -2.40 0.76 -25.01
C PRO D 131 -1.46 0.99 -26.20
N ASN D 132 -0.47 0.12 -26.35
CA ASN D 132 0.45 0.19 -27.47
C ASN D 132 0.75 -1.23 -27.95
N ARG D 133 1.15 -1.32 -29.22
CA ARG D 133 1.54 -2.61 -29.80
C ARG D 133 2.95 -2.89 -29.32
N ALA D 134 3.06 -3.74 -28.30
CA ALA D 134 4.36 -4.04 -27.71
C ALA D 134 4.26 -5.27 -26.81
N GLY D 135 5.40 -5.67 -26.27
CA GLY D 135 5.43 -6.70 -25.25
C GLY D 135 5.31 -6.06 -23.88
N TYR D 136 4.74 -6.80 -22.94
CA TYR D 136 4.45 -6.29 -21.61
C TYR D 136 4.87 -7.30 -20.55
N PHE D 137 5.46 -6.81 -19.48
CA PHE D 137 5.80 -7.63 -18.32
C PHE D 137 5.06 -7.11 -17.09
N ILE D 138 4.38 -8.01 -16.41
CA ILE D 138 3.64 -7.73 -15.18
C ILE D 138 4.40 -8.36 -14.01
N PHE D 139 4.45 -7.64 -12.88
CA PHE D 139 5.03 -8.16 -11.65
C PHE D 139 4.01 -8.03 -10.53
N PRO D 140 3.08 -8.98 -10.43
CA PRO D 140 2.03 -8.87 -9.42
C PRO D 140 2.38 -9.48 -8.08
N ASP D 141 3.52 -10.15 -7.96
CA ASP D 141 3.83 -10.96 -6.79
C ASP D 141 5.20 -10.56 -6.23
N LEU D 142 5.40 -9.26 -6.03
CA LEU D 142 6.65 -8.75 -5.46
C LEU D 142 6.40 -8.28 -4.04
N SER D 143 7.30 -8.61 -3.13
CA SER D 143 7.19 -8.17 -1.75
C SER D 143 8.58 -7.83 -1.23
N VAL D 144 8.61 -6.88 -0.29
CA VAL D 144 9.85 -6.40 0.32
C VAL D 144 9.79 -6.68 1.81
N ARG D 145 10.88 -7.22 2.36
CA ARG D 145 10.85 -7.66 3.75
C ARG D 145 11.10 -6.52 4.73
N ASN D 146 12.00 -5.60 4.39
CA ASN D 146 12.44 -4.57 5.32
C ASN D 146 12.13 -3.19 4.79
N GLU D 147 11.88 -2.26 5.70
CA GLU D 147 11.53 -0.91 5.34
C GLU D 147 12.74 -0.20 4.72
N GLY D 148 12.46 0.88 3.99
CA GLY D 148 13.52 1.70 3.44
C GLY D 148 13.17 2.23 2.07
N SER D 149 14.10 2.98 1.48
CA SER D 149 13.92 3.56 0.16
C SER D 149 14.71 2.72 -0.84
N TYR D 150 14.02 2.19 -1.85
CA TYR D 150 14.65 1.28 -2.81
C TYR D 150 14.36 1.75 -4.22
N ARG D 151 15.04 1.11 -5.15
CA ARG D 151 14.77 1.20 -6.57
C ARG D 151 14.65 -0.22 -7.11
N PHE D 152 13.86 -0.37 -8.16
CA PHE D 152 13.73 -1.64 -8.86
C PHE D 152 14.62 -1.59 -10.09
N SER D 153 15.38 -2.66 -10.28
CA SER D 153 16.18 -2.81 -11.49
C SER D 153 15.59 -3.98 -12.25
N PHE D 154 15.21 -3.73 -13.50
CA PHE D 154 14.60 -4.74 -14.34
C PHE D 154 15.59 -5.10 -15.45
N HIS D 155 15.96 -6.37 -15.52
CA HIS D 155 16.95 -6.85 -16.46
C HIS D 155 16.28 -7.73 -17.50
N LEU D 156 16.53 -7.45 -18.77
CA LEU D 156 15.91 -8.19 -19.87
C LEU D 156 16.86 -9.29 -20.34
N PHE D 157 16.33 -10.52 -20.43
CA PHE D 157 17.05 -11.67 -20.96
C PHE D 157 16.39 -12.15 -22.24
N GLU D 158 17.19 -12.35 -23.27
CA GLU D 158 16.74 -12.87 -24.55
C GLU D 158 17.27 -14.28 -24.72
N GLN D 159 16.38 -15.21 -25.08
CA GLN D 159 16.78 -16.58 -25.37
C GLN D 159 16.52 -16.79 -26.86
N ILE D 160 17.57 -16.63 -27.67
CA ILE D 160 17.41 -16.69 -29.11
C ILE D 160 16.92 -18.07 -29.52
N LYS D 161 16.03 -18.09 -30.52
CA LYS D 161 15.49 -19.33 -31.03
C LYS D 161 15.80 -19.52 -32.51
N ASP D 162 16.38 -18.51 -33.16
CA ASP D 162 16.77 -18.56 -34.56
C ASP D 162 18.23 -18.13 -34.68
N PRO D 163 19.09 -18.92 -35.33
CA PRO D 163 20.52 -18.56 -35.40
C PRO D 163 20.79 -17.27 -36.14
N LYS D 164 19.96 -16.89 -37.11
CA LYS D 164 20.16 -15.66 -37.85
C LYS D 164 20.15 -14.44 -36.94
N ASP D 165 19.35 -14.44 -35.87
CA ASP D 165 19.24 -13.29 -34.99
C ASP D 165 20.41 -13.16 -34.04
N ALA D 166 21.35 -14.10 -34.04
CA ALA D 166 22.51 -14.04 -33.16
C ALA D 166 23.39 -12.84 -33.53
N THR D 167 24.24 -12.45 -32.58
CA THR D 167 25.09 -11.28 -32.76
C THR D 167 26.18 -11.52 -33.81
N PRO D 184 20.31 -30.24 -23.46
CA PRO D 184 20.67 -29.12 -24.33
C PRO D 184 21.43 -28.02 -23.61
N GLN D 185 22.24 -27.26 -24.35
CA GLN D 185 23.06 -26.19 -23.80
C GLN D 185 22.48 -24.81 -24.11
N GLU D 186 21.15 -24.68 -24.00
CA GLU D 186 20.44 -23.44 -24.35
C GLU D 186 21.15 -22.20 -23.84
N PHE D 187 21.19 -21.16 -24.67
CA PHE D 187 21.87 -19.91 -24.35
C PHE D 187 20.88 -18.90 -23.78
N LEU D 188 21.40 -18.06 -22.87
CA LEU D 188 20.64 -16.94 -22.32
C LEU D 188 21.51 -15.70 -22.37
N GLU D 189 21.02 -14.66 -23.05
CA GLU D 189 21.78 -13.45 -23.29
C GLU D 189 21.12 -12.27 -22.59
N PHE D 190 21.87 -11.62 -21.70
CA PHE D 190 21.43 -10.37 -21.12
C PHE D 190 21.46 -9.28 -22.18
N ARG D 191 20.45 -8.42 -22.18
CA ARG D 191 20.34 -7.38 -23.19
C ARG D 191 20.50 -5.98 -22.58
N LEU D 192 19.66 -5.61 -21.61
CA LEU D 192 19.71 -4.27 -21.06
C LEU D 192 18.92 -4.25 -19.75
N GLU D 193 18.96 -3.08 -19.11
CA GLU D 193 18.42 -2.88 -17.77
C GLU D 193 17.76 -1.51 -17.71
N VAL D 194 16.66 -1.43 -16.96
CA VAL D 194 15.96 -0.18 -16.73
C VAL D 194 15.73 -0.03 -15.24
N ILE D 195 15.94 1.19 -14.73
CA ILE D 195 15.92 1.46 -13.30
C ILE D 195 14.69 2.31 -12.98
N SER D 196 13.93 1.89 -11.98
CA SER D 196 12.68 2.53 -11.62
C SER D 196 12.94 3.74 -10.73
N ASN D 197 11.87 4.51 -10.53
CA ASN D 197 11.90 5.61 -9.59
C ASN D 197 11.98 5.05 -8.16
N PRO D 198 12.54 5.82 -7.23
CA PRO D 198 12.60 5.35 -5.83
C PRO D 198 11.19 5.15 -5.29
N PHE D 199 11.03 4.11 -4.48
CA PHE D 199 9.77 3.84 -3.80
C PHE D 199 10.08 3.49 -2.36
N ILE D 200 9.12 3.76 -1.47
CA ILE D 200 9.31 3.70 -0.03
C ILE D 200 8.52 2.52 0.50
N VAL D 201 9.18 1.67 1.28
CA VAL D 201 8.53 0.55 1.95
C VAL D 201 8.40 0.93 3.42
N TYR D 202 7.17 0.93 3.92
CA TYR D 202 6.91 1.34 5.31
C TYR D 202 6.63 0.10 6.16
N SER D 203 6.73 0.28 7.47
CA SER D 203 6.46 -0.78 8.42
C SER D 203 5.21 -0.45 9.22
N ALA D 204 4.32 -1.43 9.34
CA ALA D 204 3.12 -1.28 10.16
C ALA D 204 3.47 -1.55 11.61
N LYS D 205 3.26 -0.56 12.48
CA LYS D 205 3.60 -0.71 13.88
C LYS D 205 2.78 -1.84 14.50
N LYS D 206 3.39 -2.51 15.48
CA LYS D 206 2.79 -3.67 16.11
C LYS D 206 2.10 -3.26 17.40
N PHE D 207 0.80 -3.52 17.47
CA PHE D 207 0.00 -3.29 18.67
C PHE D 207 -0.50 -4.66 19.10
N PRO D 208 0.13 -5.29 20.10
CA PRO D 208 -0.12 -6.72 20.38
C PRO D 208 -1.59 -7.08 20.56
N GLY D 209 -2.28 -6.42 21.48
CA GLY D 209 -3.67 -6.75 21.69
C GLY D 209 -4.64 -6.20 20.67
N LEU D 210 -4.16 -5.37 19.76
CA LEU D 210 -5.02 -4.65 18.81
C LEU D 210 -5.10 -5.33 17.44
N THR D 211 -3.95 -5.57 16.81
CA THR D 211 -3.93 -6.24 15.51
C THR D 211 -4.21 -7.74 15.63
N THR D 212 -3.88 -8.35 16.77
CA THR D 212 -4.12 -9.77 17.01
C THR D 212 -3.49 -10.66 15.94
#